data_1XRT
#
_entry.id   1XRT
#
_cell.length_a   174.201
_cell.length_b   91.235
_cell.length_c   61.183
_cell.angle_alpha   90.00
_cell.angle_beta   93.15
_cell.angle_gamma   90.00
#
_symmetry.space_group_name_H-M   'C 1 2 1'
#
loop_
_entity.id
_entity.type
_entity.pdbx_description
1 polymer Dihydroorotase
2 non-polymer 'ZINC ION'
3 water water
#
_entity_poly.entity_id   1
_entity_poly.type   'polypeptide(L)'
_entity_poly.pdbx_seq_one_letter_code
;MRFWQYINGVDMRGSHHHHHHGMASMTGGQQMGRDLYDDDDKDRWMLKLIVKNGYVIDPSQNLEGEFDILVENGKIKKID
KNILVPEAEIIDAKGLIVCPGFIDIHVHLRDPGQTYKEDIESGSRCAVAGGFTTIVCMPNTNPPIDNTTVVNYILQKSKS
VGLCRVLPTGTITKGRKGKEIADFYSLKEAGCVAFTDDGSPVMDSSVMRKALELASQLGVPIMDHCEDDKLAYGVINEGE
VSALLGLSSRAPEAEEIQIARDGILAQRTGGHVHIQHVSTKLSLEIIEFFKEKGVKITCEVNPNHLLFTEREVLNSGANA
RVNPPLRKKEDRLALIEGVKRGIIDCFATDHAPHQTFEKELVEFAMPGIIGLQTALPSALELYRKGIISLKKLIEMFTIN
PARIIGVDLGTLKLGSPADITIFDPNKEWILNEETNLSKSRNTPLWGKVLKGKVIYTIKDGKMVYKD
;
_entity_poly.pdbx_strand_id   A,B
#
loop_
_chem_comp.id
_chem_comp.type
_chem_comp.name
_chem_comp.formula
ZN non-polymer 'ZINC ION' 'Zn 2'
#
# COMPACT_ATOMS: atom_id res chain seq x y z
N MET A 46 19.45 -43.77 9.89
CA MET A 46 19.20 -43.28 11.27
C MET A 46 17.76 -43.53 11.70
N LEU A 47 17.58 -44.52 12.57
CA LEU A 47 16.24 -44.85 13.06
C LEU A 47 15.87 -43.98 14.26
N LYS A 48 16.90 -43.48 14.94
CA LYS A 48 16.74 -42.87 16.26
C LYS A 48 17.57 -41.61 16.44
N LEU A 49 17.13 -40.78 17.36
CA LEU A 49 17.92 -39.67 17.85
C LEU A 49 18.08 -39.75 19.33
N ILE A 50 19.29 -39.48 19.81
CA ILE A 50 19.50 -39.29 21.27
C ILE A 50 19.95 -37.87 21.50
N VAL A 51 19.13 -37.12 22.18
CA VAL A 51 19.54 -35.80 22.68
C VAL A 51 20.20 -36.02 24.06
N LYS A 52 21.52 -35.89 24.09
CA LYS A 52 22.33 -36.19 25.26
C LYS A 52 22.90 -35.01 26.06
N ASN A 53 22.99 -35.19 27.37
CA ASN A 53 23.72 -34.26 28.23
C ASN A 53 23.04 -32.92 28.55
N GLY A 54 21.81 -32.73 28.09
CA GLY A 54 21.10 -31.48 28.34
C GLY A 54 20.41 -31.39 29.68
N TYR A 55 19.91 -30.20 29.97
CA TYR A 55 19.06 -29.98 31.14
C TYR A 55 17.64 -29.93 30.58
N VAL A 56 16.92 -31.01 30.83
CA VAL A 56 15.59 -31.14 30.26
C VAL A 56 14.58 -30.45 31.17
N ILE A 57 13.65 -29.70 30.60
CA ILE A 57 12.57 -29.08 31.37
C ILE A 57 11.24 -29.31 30.61
N ASP A 58 10.33 -30.04 31.23
CA ASP A 58 9.00 -30.33 30.70
C ASP A 58 7.96 -30.03 31.81
N PRO A 59 7.53 -28.79 31.86
CA PRO A 59 6.61 -28.35 32.90
C PRO A 59 5.34 -29.09 32.96
N SER A 60 4.85 -29.55 31.80
CA SER A 60 3.60 -30.28 31.71
C SER A 60 3.61 -31.57 32.51
N GLN A 61 4.81 -32.10 32.74
CA GLN A 61 5.01 -33.28 33.55
C GLN A 61 5.74 -33.01 34.88
N ASN A 62 5.91 -31.75 35.25
CA ASN A 62 6.72 -31.35 36.42
C ASN A 62 8.04 -32.09 36.41
N LEU A 63 8.60 -32.22 35.20
CA LEU A 63 9.85 -32.97 35.00
C LEU A 63 10.96 -31.99 34.73
N GLU A 64 12.06 -32.12 35.45
CA GLU A 64 13.27 -31.37 35.10
C GLU A 64 14.50 -32.03 35.69
N GLY A 65 15.59 -31.94 34.96
CA GLY A 65 16.83 -32.52 35.40
C GLY A 65 17.78 -32.84 34.27
N GLU A 66 18.95 -33.34 34.65
CA GLU A 66 19.98 -33.80 33.67
C GLU A 66 19.62 -35.19 33.17
N PHE A 67 18.98 -35.20 32.02
CA PHE A 67 18.47 -36.42 31.44
C PHE A 67 18.83 -36.36 29.97
N ASP A 68 18.93 -37.54 29.37
CA ASP A 68 18.81 -37.76 27.91
C ASP A 68 17.37 -38.01 27.42
N ILE A 69 17.14 -37.66 26.15
CA ILE A 69 15.92 -37.99 25.47
C ILE A 69 16.21 -38.90 24.25
N LEU A 70 15.48 -40.01 24.18
CA LEU A 70 15.48 -40.88 23.01
C LEU A 70 14.19 -40.63 22.20
N VAL A 71 14.40 -40.37 20.92
CA VAL A 71 13.33 -40.16 19.92
C VAL A 71 13.35 -41.23 18.88
N GLU A 72 12.21 -41.83 18.60
CA GLU A 72 12.06 -42.81 17.51
C GLU A 72 10.68 -42.66 16.88
N ASN A 73 10.62 -42.87 15.58
CA ASN A 73 9.37 -42.79 14.85
C ASN A 73 8.71 -41.40 14.99
N GLY A 74 9.54 -40.36 15.10
CA GLY A 74 9.07 -38.99 15.29
C GLY A 74 8.41 -38.68 16.62
N LYS A 75 8.58 -39.56 17.63
CA LYS A 75 7.92 -39.43 18.91
C LYS A 75 8.94 -39.52 20.06
N ILE A 76 8.60 -38.93 21.20
CA ILE A 76 9.37 -39.17 22.42
C ILE A 76 9.23 -40.63 22.93
N LYS A 77 10.36 -41.35 22.99
CA LYS A 77 10.34 -42.77 23.35
C LYS A 77 10.74 -42.96 24.81
N LYS A 78 11.76 -42.22 25.28
CA LYS A 78 12.22 -42.39 26.64
C LYS A 78 13.00 -41.14 27.12
N ILE A 79 12.87 -40.82 28.40
CA ILE A 79 13.64 -39.78 29.05
C ILE A 79 14.31 -40.43 30.25
N ASP A 80 15.62 -40.47 30.28
CA ASP A 80 16.33 -41.22 31.31
C ASP A 80 17.73 -40.67 31.35
N LYS A 81 18.43 -40.89 32.45
CA LYS A 81 19.87 -40.58 32.47
C LYS A 81 20.62 -41.55 31.53
N ASN A 82 21.65 -41.10 30.86
CA ASN A 82 22.62 -42.02 30.24
C ASN A 82 22.02 -43.09 29.30
N ILE A 83 21.41 -42.62 28.21
CA ILE A 83 20.86 -43.46 27.16
C ILE A 83 21.86 -43.65 26.02
N LEU A 84 22.08 -44.90 25.67
CA LEU A 84 22.82 -45.28 24.48
C LEU A 84 22.21 -46.52 23.79
N VAL A 85 21.83 -46.31 22.54
CA VAL A 85 21.24 -47.32 21.69
C VAL A 85 21.91 -47.24 20.31
N PRO A 86 21.97 -48.35 19.59
CA PRO A 86 22.53 -48.37 18.23
C PRO A 86 21.61 -47.70 17.21
N GLU A 87 22.21 -47.39 16.04
CA GLU A 87 21.47 -46.85 14.90
C GLU A 87 20.86 -45.48 15.18
N ALA A 88 21.56 -44.69 16.01
CA ALA A 88 21.09 -43.35 16.41
C ALA A 88 21.99 -42.26 16.00
N GLU A 89 21.41 -41.12 15.67
CA GLU A 89 22.13 -39.83 15.72
C GLU A 89 22.14 -39.30 17.14
N ILE A 90 23.24 -38.71 17.53
CA ILE A 90 23.40 -38.15 18.87
C ILE A 90 23.56 -36.63 18.69
N ILE A 91 22.71 -35.88 19.37
CA ILE A 91 22.92 -34.42 19.56
C ILE A 91 23.44 -34.20 20.93
N ASP A 92 24.59 -33.57 21.00
CA ASP A 92 25.21 -33.20 22.27
C ASP A 92 24.67 -31.88 22.78
N ALA A 93 23.71 -31.96 23.72
CA ALA A 93 23.05 -30.82 24.32
C ALA A 93 23.73 -30.39 25.63
N LYS A 94 24.98 -30.79 25.86
CA LYS A 94 25.67 -30.38 27.10
C LYS A 94 25.68 -28.85 27.21
N GLY A 95 25.28 -28.32 28.37
CA GLY A 95 25.21 -26.89 28.60
C GLY A 95 24.01 -26.22 27.99
N LEU A 96 23.11 -27.02 27.40
CA LEU A 96 21.91 -26.43 26.79
C LEU A 96 20.65 -26.85 27.55
N ILE A 97 19.62 -26.07 27.36
CA ILE A 97 18.29 -26.37 27.88
C ILE A 97 17.51 -27.12 26.79
N VAL A 98 16.92 -28.23 27.14
CA VAL A 98 16.14 -29.07 26.22
C VAL A 98 14.66 -29.07 26.69
N CYS A 99 13.77 -28.64 25.84
CA CYS A 99 12.38 -28.43 26.25
C CYS A 99 11.43 -28.66 25.07
N PRO A 100 10.10 -28.68 25.31
CA PRO A 100 9.20 -28.83 24.18
C PRO A 100 9.42 -27.69 23.24
N GLY A 101 9.13 -27.96 21.98
CA GLY A 101 9.14 -26.92 20.97
C GLY A 101 8.14 -25.82 21.31
N PHE A 102 8.56 -24.59 21.01
CA PHE A 102 7.75 -23.43 21.31
C PHE A 102 6.57 -23.30 20.33
N ILE A 103 5.51 -22.65 20.82
CA ILE A 103 4.29 -22.51 20.10
C ILE A 103 3.93 -21.03 20.15
N ASP A 104 3.82 -20.34 18.99
CA ASP A 104 3.45 -18.96 18.92
C ASP A 104 2.02 -18.85 18.37
N ILE A 105 1.09 -18.35 19.16
CA ILE A 105 -0.31 -18.38 18.77
C ILE A 105 -0.75 -17.05 18.14
N HIS A 106 0.19 -16.24 17.69
CA HIS A 106 -0.15 -14.97 17.06
C HIS A 106 0.91 -14.49 16.09
N VAL A 107 0.80 -14.98 14.86
CA VAL A 107 1.74 -14.55 13.81
C VAL A 107 1.01 -14.11 12.56
N HIS A 108 1.48 -13.00 11.97
CA HIS A 108 1.04 -12.46 10.66
C HIS A 108 2.08 -12.82 9.59
N LEU A 109 1.73 -13.82 8.75
CA LEU A 109 2.65 -14.34 7.70
C LEU A 109 2.55 -13.58 6.37
N ARG A 110 1.52 -12.75 6.24
CA ARG A 110 1.34 -11.83 5.09
C ARG A 110 1.05 -12.61 3.78
N ASP A 111 0.50 -13.84 3.95
CA ASP A 111 0.45 -14.79 2.84
C ASP A 111 -0.84 -15.59 2.97
N PRO A 112 -1.77 -15.46 2.00
CA PRO A 112 -1.60 -14.65 0.78
C PRO A 112 -1.74 -13.13 0.90
N GLY A 113 -1.26 -12.45 -0.13
CA GLY A 113 -1.58 -11.08 -0.44
C GLY A 113 -0.57 -9.97 -0.20
N GLN A 114 0.40 -10.16 0.70
CA GLN A 114 1.45 -9.17 0.97
C GLN A 114 2.80 -9.88 1.13
N THR A 115 3.06 -10.82 0.22
CA THR A 115 4.19 -11.76 0.32
C THR A 115 5.55 -11.12 0.18
N TYR A 116 5.59 -9.84 -0.23
CA TYR A 116 6.83 -9.02 -0.24
C TYR A 116 7.28 -8.61 1.16
N LYS A 117 6.35 -8.62 2.13
CA LYS A 117 6.64 -8.28 3.51
C LYS A 117 7.12 -9.51 4.32
N GLU A 118 6.60 -10.68 3.95
CA GLU A 118 6.84 -11.99 4.58
C GLU A 118 6.05 -13.03 3.81
N ASP A 119 6.47 -14.28 3.82
CA ASP A 119 5.60 -15.36 3.32
C ASP A 119 5.66 -16.55 4.21
N ILE A 120 4.91 -17.55 3.89
CA ILE A 120 4.92 -18.71 4.76
C ILE A 120 6.33 -19.26 4.93
N GLU A 121 7.11 -19.33 3.86
CA GLU A 121 8.46 -19.85 3.95
C GLU A 121 9.34 -18.97 4.84
N SER A 122 9.37 -17.65 4.61
CA SER A 122 10.25 -16.80 5.40
C SER A 122 9.81 -16.72 6.87
N GLY A 123 8.52 -16.66 7.13
CA GLY A 123 8.09 -16.67 8.51
C GLY A 123 8.40 -17.97 9.23
N SER A 124 8.24 -19.08 8.52
CA SER A 124 8.58 -20.41 9.06
C SER A 124 10.09 -20.54 9.35
N ARG A 125 10.91 -19.93 8.52
CA ARG A 125 12.34 -19.90 8.74
C ARG A 125 12.66 -19.06 10.02
N CYS A 126 12.01 -17.92 10.17
CA CYS A 126 12.18 -17.11 11.41
C CYS A 126 11.70 -17.94 12.63
N ALA A 127 10.58 -18.60 12.46
CA ALA A 127 9.96 -19.39 13.54
C ALA A 127 10.92 -20.46 14.07
N VAL A 128 11.48 -21.28 13.17
CA VAL A 128 12.31 -22.39 13.62
C VAL A 128 13.63 -21.88 14.18
N ALA A 129 14.13 -20.80 13.60
CA ALA A 129 15.32 -20.11 14.11
C ALA A 129 15.09 -19.54 15.50
N GLY A 130 13.84 -19.28 15.84
CA GLY A 130 13.50 -18.79 17.15
C GLY A 130 12.98 -19.86 18.11
N GLY A 131 13.10 -21.12 17.75
CA GLY A 131 12.66 -22.25 18.59
C GLY A 131 11.22 -22.69 18.43
N PHE A 132 10.46 -22.10 17.51
CA PHE A 132 9.01 -22.40 17.35
C PHE A 132 8.82 -23.60 16.40
N THR A 133 8.14 -24.63 16.87
CA THR A 133 7.81 -25.80 16.05
C THR A 133 6.38 -25.71 15.53
N THR A 134 5.61 -24.77 16.10
CA THR A 134 4.17 -24.59 15.80
C THR A 134 3.91 -23.08 15.85
N ILE A 135 3.31 -22.52 14.78
CA ILE A 135 2.86 -21.12 14.79
C ILE A 135 1.41 -21.10 14.26
N VAL A 136 0.66 -20.13 14.78
CA VAL A 136 -0.73 -19.93 14.40
C VAL A 136 -0.78 -18.63 13.64
N CYS A 137 -1.24 -18.69 12.39
CA CYS A 137 -1.26 -17.51 11.55
C CYS A 137 -2.66 -16.89 11.60
N MET A 138 -2.66 -15.55 11.59
CA MET A 138 -3.89 -14.76 11.66
C MET A 138 -4.52 -14.68 10.26
N PRO A 139 -5.83 -14.45 10.22
CA PRO A 139 -6.62 -14.58 8.95
C PRO A 139 -6.82 -13.29 8.16
N ASN A 140 -6.10 -12.22 8.51
CA ASN A 140 -6.14 -10.92 7.78
C ASN A 140 -5.21 -10.84 6.58
N THR A 141 -5.11 -11.99 5.93
CA THR A 141 -4.51 -12.14 4.63
C THR A 141 -5.45 -11.58 3.54
N ASN A 142 -4.94 -11.57 2.31
CA ASN A 142 -5.76 -11.19 1.19
C ASN A 142 -5.57 -12.22 0.07
N PRO A 143 -6.58 -13.02 -0.21
CA PRO A 143 -7.89 -12.97 0.44
C PRO A 143 -7.81 -13.48 1.88
N PRO A 144 -8.80 -13.10 2.70
CA PRO A 144 -8.78 -13.49 4.12
C PRO A 144 -9.08 -14.97 4.26
N ILE A 145 -8.80 -15.54 5.44
CA ILE A 145 -9.03 -16.97 5.66
C ILE A 145 -10.48 -17.12 6.09
N ASP A 146 -11.40 -17.01 5.13
CA ASP A 146 -12.82 -17.23 5.41
C ASP A 146 -13.45 -18.34 4.53
N ASN A 147 -12.63 -19.10 3.84
CA ASN A 147 -13.09 -20.24 3.07
C ASN A 147 -12.05 -21.35 2.99
N THR A 148 -12.46 -22.55 2.58
CA THR A 148 -11.56 -23.71 2.67
C THR A 148 -10.44 -23.65 1.62
N THR A 149 -10.66 -22.93 0.52
CA THR A 149 -9.62 -22.73 -0.50
C THR A 149 -8.45 -22.00 0.15
N VAL A 150 -8.72 -20.97 0.93
CA VAL A 150 -7.61 -20.27 1.53
C VAL A 150 -6.93 -21.14 2.60
N VAL A 151 -7.78 -21.82 3.35
CA VAL A 151 -7.27 -22.73 4.40
C VAL A 151 -6.33 -23.74 3.77
N ASN A 152 -6.77 -24.38 2.67
CA ASN A 152 -6.00 -25.44 2.04
C ASN A 152 -4.70 -24.90 1.44
N TYR A 153 -4.76 -23.68 0.94
CA TYR A 153 -3.55 -22.97 0.49
C TYR A 153 -2.49 -22.95 1.56
N ILE A 154 -2.88 -22.49 2.73
CA ILE A 154 -1.92 -22.32 3.83
C ILE A 154 -1.40 -23.71 4.30
N LEU A 155 -2.29 -24.67 4.42
CA LEU A 155 -1.86 -26.04 4.81
C LEU A 155 -0.89 -26.66 3.84
N GLN A 156 -1.15 -26.49 2.55
CA GLN A 156 -0.24 -27.01 1.50
C GLN A 156 1.07 -26.30 1.48
N LYS A 157 1.07 -24.97 1.64
CA LYS A 157 2.33 -24.25 1.88
C LYS A 157 3.14 -24.74 3.05
N SER A 158 2.52 -24.86 4.19
CA SER A 158 3.14 -25.41 5.39
C SER A 158 3.75 -26.78 5.14
N LYS A 159 3.02 -27.64 4.46
CA LYS A 159 3.53 -28.94 4.08
C LYS A 159 4.77 -28.87 3.16
N SER A 160 4.74 -28.03 2.13
CA SER A 160 5.83 -27.96 1.19
C SER A 160 7.04 -27.29 1.80
N VAL A 161 6.83 -26.28 2.67
CA VAL A 161 7.95 -25.61 3.33
C VAL A 161 8.59 -26.60 4.33
N GLY A 162 7.77 -27.29 5.12
CA GLY A 162 8.22 -28.42 5.93
C GLY A 162 9.16 -28.17 7.11
N LEU A 163 9.01 -27.00 7.68
CA LEU A 163 9.79 -26.59 8.89
C LEU A 163 8.79 -26.67 10.08
N CYS A 164 8.21 -25.56 10.49
CA CYS A 164 7.21 -25.54 11.59
C CYS A 164 5.83 -25.87 11.07
N ARG A 165 5.02 -26.44 11.96
CA ARG A 165 3.62 -26.58 11.70
C ARG A 165 3.00 -25.19 11.66
N VAL A 166 2.30 -24.85 10.59
CA VAL A 166 1.56 -23.61 10.48
C VAL A 166 0.09 -23.95 10.61
N LEU A 167 -0.54 -23.45 11.69
CA LEU A 167 -1.96 -23.70 11.93
C LEU A 167 -2.72 -22.43 11.54
N PRO A 168 -3.70 -22.56 10.65
CA PRO A 168 -4.54 -21.42 10.31
C PRO A 168 -5.61 -21.12 11.35
N THR A 169 -6.08 -19.89 11.31
CA THR A 169 -7.31 -19.48 11.97
C THR A 169 -8.25 -19.02 10.90
N GLY A 170 -9.54 -19.06 11.21
CA GLY A 170 -10.59 -18.46 10.40
C GLY A 170 -11.02 -17.11 10.92
N THR A 171 -11.71 -16.35 10.08
CA THR A 171 -12.26 -15.05 10.44
C THR A 171 -13.50 -15.34 11.29
N ILE A 172 -13.87 -14.36 12.13
CA ILE A 172 -15.18 -14.42 12.82
C ILE A 172 -16.31 -14.13 11.84
N THR A 173 -16.13 -13.12 10.96
CA THR A 173 -17.19 -12.75 10.01
C THR A 173 -16.70 -12.86 8.58
N LYS A 174 -17.64 -13.00 7.65
CA LYS A 174 -17.27 -12.95 6.25
C LYS A 174 -16.52 -11.69 5.84
N GLY A 175 -15.36 -11.90 5.17
CA GLY A 175 -14.45 -10.84 4.74
C GLY A 175 -13.86 -9.99 5.85
N ARG A 176 -14.06 -10.48 7.09
CA ARG A 176 -13.83 -9.72 8.33
C ARG A 176 -14.56 -8.38 8.36
N LYS A 177 -15.71 -8.33 7.69
CA LYS A 177 -16.50 -7.11 7.53
C LYS A 177 -17.39 -6.84 8.74
N GLY A 178 -17.55 -7.79 9.65
CA GLY A 178 -18.17 -7.52 10.93
C GLY A 178 -19.69 -7.68 10.94
N LYS A 179 -20.23 -8.03 9.78
CA LYS A 179 -21.67 -8.18 9.55
C LYS A 179 -22.20 -9.64 9.65
N GLU A 180 -21.58 -10.57 8.94
CA GLU A 180 -22.13 -11.93 8.81
C GLU A 180 -21.16 -12.97 9.33
N ILE A 181 -21.59 -13.78 10.28
CA ILE A 181 -20.70 -14.81 10.85
C ILE A 181 -20.24 -15.83 9.80
N ALA A 182 -18.95 -16.16 9.84
CA ALA A 182 -18.35 -17.14 8.95
C ALA A 182 -18.79 -18.58 9.28
N ASP A 183 -18.49 -19.50 8.39
CA ASP A 183 -18.88 -20.90 8.59
C ASP A 183 -17.78 -21.57 9.44
N PHE A 184 -17.93 -21.48 10.76
CA PHE A 184 -16.90 -22.00 11.67
C PHE A 184 -16.80 -23.52 11.55
N TYR A 185 -17.94 -24.20 11.38
CA TYR A 185 -17.89 -25.67 11.26
C TYR A 185 -16.98 -26.09 10.11
N SER A 186 -17.22 -25.56 8.90
CA SER A 186 -16.44 -25.96 7.72
C SER A 186 -14.96 -25.62 7.87
N LEU A 187 -14.73 -24.44 8.44
CA LEU A 187 -13.39 -23.86 8.61
C LEU A 187 -12.58 -24.61 9.60
N LYS A 188 -13.20 -24.96 10.72
CA LYS A 188 -12.60 -25.89 11.66
C LYS A 188 -12.28 -27.28 11.08
N GLU A 189 -13.26 -27.90 10.42
CA GLU A 189 -13.07 -29.21 9.75
C GLU A 189 -11.89 -29.19 8.80
N ALA A 190 -11.66 -28.06 8.12
CA ALA A 190 -10.58 -27.90 7.14
C ALA A 190 -9.26 -27.61 7.80
N GLY A 191 -9.30 -27.27 9.10
CA GLY A 191 -8.08 -27.16 9.90
C GLY A 191 -7.87 -25.87 10.69
N CYS A 192 -8.86 -24.99 10.72
CA CYS A 192 -8.71 -23.80 11.55
C CYS A 192 -8.79 -24.17 13.03
N VAL A 193 -7.95 -23.53 13.85
CA VAL A 193 -7.82 -23.88 15.26
C VAL A 193 -8.43 -22.82 16.18
N ALA A 194 -8.71 -21.64 15.62
CA ALA A 194 -9.30 -20.50 16.34
C ALA A 194 -9.96 -19.57 15.33
N PHE A 195 -10.72 -18.60 15.84
CA PHE A 195 -11.42 -17.58 15.03
C PHE A 195 -11.18 -16.18 15.55
N THR A 196 -10.94 -15.28 14.62
CA THR A 196 -10.67 -13.90 14.94
C THR A 196 -10.88 -13.03 13.70
N ASP A 197 -11.34 -11.82 13.93
CA ASP A 197 -11.42 -10.81 12.86
C ASP A 197 -10.20 -9.94 12.91
N ASP A 198 -9.26 -10.31 13.78
CA ASP A 198 -7.89 -9.78 13.84
C ASP A 198 -7.51 -9.29 12.52
N GLY A 199 -6.94 -8.10 12.65
CA GLY A 199 -7.04 -7.01 11.80
C GLY A 199 -7.85 -6.03 12.62
N SER A 200 -9.10 -6.42 12.86
CA SER A 200 -10.10 -5.46 13.31
C SER A 200 -11.00 -6.11 14.34
N PRO A 201 -10.79 -5.75 15.61
CA PRO A 201 -11.61 -6.25 16.73
C PRO A 201 -13.10 -6.25 16.44
N VAL A 202 -13.83 -7.21 17.02
CA VAL A 202 -15.28 -7.23 16.85
C VAL A 202 -15.89 -6.06 17.65
N MET A 203 -16.67 -5.23 16.97
CA MET A 203 -17.33 -4.05 17.54
C MET A 203 -18.79 -4.35 17.91
N ASP A 204 -19.40 -5.28 17.17
CA ASP A 204 -20.78 -5.69 17.40
C ASP A 204 -20.76 -6.77 18.50
N SER A 205 -21.21 -6.36 19.67
CA SER A 205 -21.42 -7.26 20.80
C SER A 205 -22.26 -8.49 20.47
N SER A 206 -23.26 -8.34 19.62
CA SER A 206 -24.10 -9.47 19.23
C SER A 206 -23.32 -10.45 18.31
N VAL A 207 -22.46 -9.92 17.46
CA VAL A 207 -21.54 -10.79 16.71
C VAL A 207 -20.57 -11.54 17.63
N MET A 208 -19.92 -10.83 18.55
CA MET A 208 -19.05 -11.51 19.54
C MET A 208 -19.81 -12.64 20.28
N ARG A 209 -21.04 -12.37 20.74
CA ARG A 209 -21.79 -13.38 21.45
C ARG A 209 -22.03 -14.61 20.60
N LYS A 210 -22.47 -14.41 19.37
CA LYS A 210 -22.68 -15.48 18.41
C LYS A 210 -21.38 -16.31 18.13
N ALA A 211 -20.30 -15.58 17.96
CA ALA A 211 -18.98 -16.16 17.79
C ALA A 211 -18.60 -17.06 18.96
N LEU A 212 -18.76 -16.54 20.19
CA LEU A 212 -18.41 -17.30 21.37
C LEU A 212 -19.39 -18.47 21.54
N GLU A 213 -20.65 -18.28 21.18
CA GLU A 213 -21.58 -19.39 21.21
C GLU A 213 -21.09 -20.54 20.34
N LEU A 214 -20.73 -20.21 19.11
CA LEU A 214 -20.28 -21.21 18.15
C LEU A 214 -18.98 -21.81 18.60
N ALA A 215 -18.09 -20.96 19.12
CA ALA A 215 -16.79 -21.43 19.55
C ALA A 215 -16.98 -22.46 20.66
N SER A 216 -17.96 -22.24 21.54
CA SER A 216 -18.21 -23.14 22.67
C SER A 216 -18.68 -24.52 22.18
N GLN A 217 -19.45 -24.58 21.09
CA GLN A 217 -19.97 -25.84 20.53
C GLN A 217 -18.84 -26.63 19.93
N LEU A 218 -17.87 -25.91 19.37
CA LEU A 218 -16.75 -26.49 18.63
C LEU A 218 -15.50 -26.77 19.46
N GLY A 219 -15.42 -26.22 20.65
CA GLY A 219 -14.23 -26.42 21.48
C GLY A 219 -13.00 -25.69 21.00
N VAL A 220 -13.20 -24.49 20.45
CA VAL A 220 -12.11 -23.63 19.99
C VAL A 220 -12.23 -22.22 20.56
N PRO A 221 -11.13 -21.50 20.68
CA PRO A 221 -11.18 -20.11 21.14
C PRO A 221 -11.48 -19.03 20.08
N ILE A 222 -12.06 -17.95 20.54
CA ILE A 222 -12.14 -16.69 19.84
C ILE A 222 -10.99 -15.87 20.29
N MET A 223 -10.22 -15.34 19.35
CA MET A 223 -9.18 -14.41 19.67
C MET A 223 -9.67 -13.03 19.33
N ASP A 224 -9.45 -12.09 20.23
CA ASP A 224 -9.95 -10.73 20.06
C ASP A 224 -9.00 -9.65 20.50
N HIS A 225 -9.13 -8.50 19.85
CA HIS A 225 -8.45 -7.28 20.28
C HIS A 225 -6.99 -7.13 19.79
N CYS A 226 -6.72 -7.51 18.56
CA CYS A 226 -5.51 -7.10 17.83
C CYS A 226 -5.97 -6.18 16.68
N GLU A 227 -5.33 -5.02 16.56
CA GLU A 227 -5.63 -3.99 15.55
C GLU A 227 -4.55 -4.02 14.43
N ASP A 228 -4.13 -5.22 14.03
CA ASP A 228 -3.03 -5.31 13.04
C ASP A 228 -3.39 -4.58 11.74
N ASP A 229 -4.68 -4.44 11.46
CA ASP A 229 -5.15 -3.86 10.19
C ASP A 229 -4.71 -2.40 10.02
N LYS A 230 -4.50 -1.71 11.14
CA LYS A 230 -4.03 -0.30 11.14
C LYS A 230 -2.66 -0.15 10.50
N LEU A 231 -1.84 -1.20 10.54
CA LEU A 231 -0.99 -1.41 9.38
C LEU A 231 -0.70 -2.81 8.93
N ALA A 232 -1.69 -3.43 8.36
CA ALA A 232 -1.44 -4.25 7.19
C ALA A 232 -2.07 -3.41 6.06
N TYR A 233 -3.15 -2.66 6.38
CA TYR A 233 -4.07 -2.11 5.37
C TYR A 233 -4.27 -0.61 5.52
N ALA A 254 -11.27 2.36 26.17
CA ALA A 254 -11.91 1.45 25.18
C ALA A 254 -11.41 0.03 25.27
N GLU A 255 -10.11 -0.14 25.52
CA GLU A 255 -9.57 -1.46 25.68
C GLU A 255 -10.25 -2.18 26.86
N GLU A 256 -10.33 -1.52 28.00
CA GLU A 256 -10.83 -2.15 29.22
C GLU A 256 -12.29 -2.55 29.10
N ILE A 257 -13.08 -1.68 28.46
CA ILE A 257 -14.48 -1.99 28.21
C ILE A 257 -14.64 -3.17 27.29
N GLN A 258 -13.85 -3.24 26.23
CA GLN A 258 -13.92 -4.36 25.30
C GLN A 258 -13.54 -5.68 25.98
N ILE A 259 -12.52 -5.65 26.85
CA ILE A 259 -12.08 -6.85 27.57
C ILE A 259 -13.16 -7.31 28.54
N ALA A 260 -13.70 -6.36 29.28
CA ALA A 260 -14.80 -6.65 30.19
C ALA A 260 -15.98 -7.24 29.44
N ARG A 261 -16.29 -6.71 28.27
CA ARG A 261 -17.38 -7.23 27.45
C ARG A 261 -17.10 -8.71 27.10
N ASP A 262 -15.88 -8.97 26.63
CA ASP A 262 -15.46 -10.30 26.22
C ASP A 262 -15.52 -11.28 27.39
N GLY A 263 -15.07 -10.86 28.56
CA GLY A 263 -15.17 -11.69 29.76
C GLY A 263 -16.60 -12.03 30.11
N ILE A 264 -17.47 -11.03 30.02
CA ILE A 264 -18.88 -11.26 30.30
C ILE A 264 -19.51 -12.24 29.31
N LEU A 265 -19.24 -12.08 28.03
CA LEU A 265 -19.84 -12.93 27.02
C LEU A 265 -19.29 -14.33 27.09
N ALA A 266 -18.01 -14.44 27.46
CA ALA A 266 -17.35 -15.73 27.61
C ALA A 266 -18.04 -16.49 28.76
N GLN A 267 -18.26 -15.79 29.85
CA GLN A 267 -18.96 -16.44 30.97
C GLN A 267 -20.36 -16.86 30.58
N ARG A 268 -21.07 -16.00 29.89
CA ARG A 268 -22.46 -16.20 29.56
C ARG A 268 -22.60 -17.36 28.56
N THR A 269 -21.65 -17.50 27.62
CA THR A 269 -21.76 -18.55 26.58
C THR A 269 -21.01 -19.86 26.93
N GLY A 270 -20.01 -19.78 27.80
CA GLY A 270 -19.10 -20.89 28.06
C GLY A 270 -18.00 -21.00 27.02
N GLY A 271 -17.94 -20.03 26.13
CA GLY A 271 -16.88 -20.00 25.14
C GLY A 271 -15.59 -19.49 25.74
N HIS A 272 -14.51 -19.79 25.04
CA HIS A 272 -13.16 -19.40 25.43
C HIS A 272 -12.81 -18.19 24.60
N VAL A 273 -12.50 -17.07 25.26
CA VAL A 273 -11.98 -15.87 24.62
C VAL A 273 -10.50 -15.68 24.98
N HIS A 274 -9.70 -15.30 23.98
CA HIS A 274 -8.30 -15.06 24.16
C HIS A 274 -8.00 -13.59 23.76
N ILE A 275 -7.54 -12.79 24.71
CA ILE A 275 -7.27 -11.39 24.49
C ILE A 275 -5.85 -11.22 23.91
N GLN A 276 -5.81 -10.71 22.70
CA GLN A 276 -4.54 -10.67 21.94
C GLN A 276 -3.67 -9.50 22.28
N HIS A 277 -4.23 -8.44 22.85
CA HIS A 277 -3.41 -7.31 23.26
C HIS A 277 -3.99 -6.70 24.51
N VAL A 278 -3.15 -6.53 25.50
CA VAL A 278 -3.49 -5.88 26.76
C VAL A 278 -2.46 -4.80 26.97
N SER A 279 -2.81 -3.69 27.58
CA SER A 279 -1.81 -2.61 27.78
C SER A 279 -1.87 -1.81 29.07
N THR A 280 -2.87 -2.07 29.90
CA THR A 280 -3.06 -1.33 31.13
C THR A 280 -3.20 -2.29 32.28
N LYS A 281 -2.87 -1.77 33.44
CA LYS A 281 -2.98 -2.43 34.70
C LYS A 281 -4.43 -2.84 34.93
N LEU A 282 -5.36 -1.96 34.58
CA LEU A 282 -6.77 -2.26 34.81
C LEU A 282 -7.27 -3.41 33.92
N SER A 283 -6.84 -3.45 32.65
CA SER A 283 -7.15 -4.58 31.75
C SER A 283 -6.66 -5.89 32.37
N LEU A 284 -5.45 -5.89 32.92
CA LEU A 284 -4.89 -7.07 33.55
C LEU A 284 -5.69 -7.46 34.78
N GLU A 285 -6.10 -6.49 35.57
CA GLU A 285 -6.87 -6.77 36.78
C GLU A 285 -8.24 -7.37 36.42
N ILE A 286 -8.86 -6.84 35.36
CA ILE A 286 -10.13 -7.39 34.87
C ILE A 286 -9.96 -8.81 34.43
N ILE A 287 -8.88 -9.08 33.67
CA ILE A 287 -8.66 -10.43 33.19
C ILE A 287 -8.50 -11.46 34.36
N GLU A 288 -7.72 -11.07 35.36
CA GLU A 288 -7.43 -11.88 36.52
C GLU A 288 -8.72 -12.14 37.29
N PHE A 289 -9.59 -11.13 37.36
CA PHE A 289 -10.90 -11.24 38.02
C PHE A 289 -11.73 -12.31 37.34
N PHE A 290 -11.85 -12.23 36.03
CA PHE A 290 -12.62 -13.21 35.29
C PHE A 290 -12.03 -14.64 35.41
N LYS A 291 -10.72 -14.74 35.35
CA LYS A 291 -10.05 -16.02 35.53
C LYS A 291 -10.34 -16.60 36.92
N GLU A 292 -10.26 -15.78 37.95
CA GLU A 292 -10.55 -16.22 39.32
C GLU A 292 -11.94 -16.76 39.53
N LYS A 293 -12.89 -16.27 38.72
CA LYS A 293 -14.30 -16.65 38.73
C LYS A 293 -14.61 -17.81 37.78
N GLY A 294 -13.59 -18.45 37.23
CA GLY A 294 -13.75 -19.59 36.33
C GLY A 294 -14.06 -19.33 34.88
N VAL A 295 -13.96 -18.08 34.45
CA VAL A 295 -14.26 -17.75 33.08
C VAL A 295 -13.06 -18.19 32.20
N LYS A 296 -13.36 -18.75 31.02
CA LYS A 296 -12.30 -19.26 30.13
C LYS A 296 -11.81 -18.07 29.31
N ILE A 297 -10.97 -17.28 29.95
CA ILE A 297 -10.31 -16.15 29.34
C ILE A 297 -8.81 -16.30 29.53
N THR A 298 -8.07 -16.02 28.44
CA THR A 298 -6.61 -16.00 28.47
C THR A 298 -6.13 -14.78 27.79
N CYS A 299 -4.85 -14.52 27.96
CA CYS A 299 -4.22 -13.40 27.29
C CYS A 299 -2.73 -13.70 27.06
N GLU A 300 -2.12 -12.80 26.31
CA GLU A 300 -0.74 -12.96 25.84
C GLU A 300 -0.01 -11.64 25.93
N VAL A 301 1.31 -11.70 25.85
CA VAL A 301 2.10 -10.50 25.66
C VAL A 301 3.29 -10.80 24.73
N ASN A 302 3.74 -9.80 23.98
CA ASN A 302 4.93 -9.92 23.16
C ASN A 302 6.17 -9.62 24.04
N PRO A 303 7.04 -10.62 24.27
CA PRO A 303 8.22 -10.36 25.13
C PRO A 303 9.18 -9.35 24.49
N ASN A 304 9.18 -9.28 23.18
CA ASN A 304 9.93 -8.27 22.41
C ASN A 304 9.57 -6.80 22.79
N HIS A 305 8.32 -6.54 23.10
CA HIS A 305 7.82 -5.23 23.50
C HIS A 305 8.13 -4.81 24.95
N LEU A 306 8.55 -5.72 25.78
CA LEU A 306 8.76 -5.45 27.20
C LEU A 306 10.22 -5.07 27.49
N LEU A 307 11.01 -5.00 26.40
CA LEU A 307 12.48 -4.87 26.32
C LEU A 307 13.13 -6.24 26.05
N GLU A 330 1.13 -0.46 25.71
CA GLU A 330 1.61 0.55 26.67
C GLU A 330 1.64 0.07 28.13
N ASP A 331 2.14 0.95 29.01
CA ASP A 331 2.42 0.62 30.43
C ASP A 331 3.19 -0.70 30.61
N ARG A 332 4.43 -0.64 30.15
CA ARG A 332 5.42 -1.72 30.26
C ARG A 332 5.40 -2.39 31.62
N LEU A 333 5.41 -1.56 32.67
CA LEU A 333 5.62 -2.02 34.03
C LEU A 333 4.46 -2.85 34.53
N ALA A 334 3.25 -2.43 34.20
CA ALA A 334 2.05 -3.19 34.58
C ALA A 334 2.05 -4.56 33.86
N LEU A 335 2.46 -4.55 32.59
CA LEU A 335 2.59 -5.77 31.82
C LEU A 335 3.60 -6.72 32.43
N ILE A 336 4.73 -6.18 32.90
CA ILE A 336 5.75 -7.02 33.53
C ILE A 336 5.24 -7.61 34.86
N GLU A 337 4.54 -6.80 35.64
CA GLU A 337 3.85 -7.31 36.82
C GLU A 337 2.81 -8.38 36.47
N GLY A 338 2.11 -8.21 35.35
CA GLY A 338 1.16 -9.24 34.89
C GLY A 338 1.76 -10.59 34.51
N VAL A 339 2.92 -10.52 33.85
CA VAL A 339 3.76 -11.73 33.65
C VAL A 339 4.20 -12.35 35.00
N LYS A 340 4.75 -11.52 35.88
CA LYS A 340 5.26 -11.95 37.15
C LYS A 340 4.20 -12.68 37.97
N ARG A 341 2.97 -12.15 37.98
CA ARG A 341 1.87 -12.72 38.74
C ARG A 341 1.06 -13.81 38.06
N GLY A 342 1.40 -14.15 36.81
CA GLY A 342 0.72 -15.23 36.13
C GLY A 342 -0.61 -14.86 35.47
N ILE A 343 -0.91 -13.57 35.39
CA ILE A 343 -2.12 -13.12 34.74
C ILE A 343 -2.00 -13.36 33.22
N ILE A 344 -0.81 -13.06 32.70
CA ILE A 344 -0.55 -13.28 31.28
C ILE A 344 -0.16 -14.73 31.05
N ASP A 345 -0.94 -15.42 30.25
CA ASP A 345 -0.81 -16.89 30.07
C ASP A 345 0.38 -17.32 29.21
N CYS A 346 0.69 -16.52 28.18
CA CYS A 346 1.73 -16.92 27.24
C CYS A 346 2.39 -15.72 26.59
N PHE A 347 3.56 -16.00 26.04
CA PHE A 347 4.26 -15.09 25.17
C PHE A 347 3.73 -15.48 23.79
N ALA A 348 3.35 -14.48 23.03
CA ALA A 348 3.01 -14.68 21.63
C ALA A 348 3.53 -13.41 20.98
N THR A 349 4.20 -13.55 19.86
CA THR A 349 4.92 -12.43 19.29
C THR A 349 4.07 -11.35 18.70
N ASP A 350 2.91 -11.68 18.16
CA ASP A 350 2.24 -10.76 17.26
C ASP A 350 3.25 -10.27 16.19
N HIS A 351 4.03 -11.23 15.67
CA HIS A 351 4.99 -11.01 14.59
C HIS A 351 4.24 -10.30 13.48
N ALA A 352 4.62 -9.05 13.18
CA ALA A 352 3.79 -8.19 12.35
C ALA A 352 4.68 -7.46 11.32
N PRO A 353 5.02 -8.14 10.24
CA PRO A 353 5.93 -7.55 9.25
C PRO A 353 5.37 -6.31 8.61
N HIS A 354 6.19 -5.30 8.52
CA HIS A 354 5.90 -4.00 7.91
C HIS A 354 7.19 -3.44 7.29
N GLN A 355 7.01 -2.65 6.22
CA GLN A 355 8.18 -2.14 5.51
C GLN A 355 8.31 -0.64 5.32
N THR A 356 7.47 0.13 6.01
CA THR A 356 7.61 1.59 6.01
C THR A 356 8.06 2.09 7.38
N GLY A 368 3.40 -2.46 15.17
CA GLY A 368 3.72 -3.85 15.14
C GLY A 368 5.15 -4.04 14.68
N ILE A 369 5.76 -5.06 15.26
CA ILE A 369 7.15 -5.43 14.98
C ILE A 369 7.26 -6.94 14.68
N ILE A 370 8.30 -7.30 13.92
CA ILE A 370 8.70 -8.67 13.82
C ILE A 370 9.26 -9.15 15.13
N GLY A 371 9.13 -10.45 15.38
CA GLY A 371 9.58 -10.97 16.65
C GLY A 371 9.85 -12.43 16.83
N LEU A 372 9.49 -13.29 15.88
CA LEU A 372 9.68 -14.73 16.03
C LEU A 372 11.11 -15.06 16.31
N GLN A 373 12.01 -14.39 15.62
CA GLN A 373 13.40 -14.75 15.70
C GLN A 373 14.07 -14.24 17.02
N THR A 374 13.44 -13.28 17.69
CA THR A 374 14.00 -12.67 18.91
C THR A 374 13.18 -12.95 20.18
N ALA A 375 12.10 -13.72 20.10
CA ALA A 375 11.20 -13.81 21.24
C ALA A 375 11.95 -14.36 22.48
N LEU A 376 12.77 -15.37 22.21
CA LEU A 376 13.45 -16.08 23.30
C LEU A 376 14.39 -15.21 24.05
N PRO A 377 15.36 -14.55 23.41
CA PRO A 377 16.24 -13.63 24.17
C PRO A 377 15.52 -12.50 24.88
N SER A 378 14.42 -12.01 24.29
CA SER A 378 13.58 -11.04 24.94
C SER A 378 12.98 -11.54 26.24
N ALA A 379 12.40 -12.73 26.20
CA ALA A 379 11.80 -13.34 27.37
C ALA A 379 12.90 -13.61 28.43
N LEU A 380 14.08 -14.03 28.00
CA LEU A 380 15.17 -14.34 28.94
C LEU A 380 15.62 -13.16 29.71
N GLU A 381 15.45 -11.96 29.15
CA GLU A 381 15.78 -10.78 29.95
C GLU A 381 14.89 -10.72 31.21
N LEU A 382 13.63 -11.13 31.09
CA LEU A 382 12.75 -11.16 32.27
C LEU A 382 13.23 -12.22 33.27
N TYR A 383 13.74 -13.34 32.78
CA TYR A 383 14.33 -14.35 33.62
C TYR A 383 15.57 -13.87 34.34
N ARG A 384 16.46 -13.21 33.59
CA ARG A 384 17.70 -12.73 34.20
C ARG A 384 17.44 -11.67 35.26
N LYS A 385 16.34 -10.96 35.12
CA LYS A 385 15.99 -9.91 36.07
C LYS A 385 15.16 -10.45 37.23
N GLY A 386 15.00 -11.76 37.34
CA GLY A 386 14.28 -12.34 38.47
C GLY A 386 12.76 -12.25 38.44
N ILE A 387 12.21 -11.81 37.32
CA ILE A 387 10.77 -11.64 37.16
C ILE A 387 10.08 -12.98 37.01
N ILE A 388 10.71 -13.92 36.29
CA ILE A 388 10.17 -15.25 36.14
C ILE A 388 11.29 -16.25 36.24
N SER A 389 10.93 -17.46 36.69
CA SER A 389 11.81 -18.63 36.68
C SER A 389 12.00 -19.16 35.25
N LEU A 390 13.04 -19.94 35.03
CA LEU A 390 13.22 -20.52 33.69
C LEU A 390 12.08 -21.43 33.36
N LYS A 391 11.63 -22.23 34.36
CA LYS A 391 10.49 -23.13 34.16
C LYS A 391 9.25 -22.34 33.68
N LYS A 392 9.02 -21.17 34.26
CA LYS A 392 7.82 -20.40 33.94
C LYS A 392 7.92 -19.82 32.53
N LEU A 393 9.11 -19.40 32.18
CA LEU A 393 9.43 -18.98 30.81
C LEU A 393 9.08 -20.08 29.80
N ILE A 394 9.45 -21.32 30.09
CA ILE A 394 9.19 -22.44 29.24
C ILE A 394 7.68 -22.69 29.18
N GLU A 395 7.00 -22.63 30.30
CA GLU A 395 5.53 -22.81 30.35
C GLU A 395 4.86 -21.83 29.40
N MET A 396 5.32 -20.57 29.45
CA MET A 396 4.69 -19.53 28.65
C MET A 396 4.92 -19.62 27.13
N PHE A 397 5.93 -20.40 26.70
CA PHE A 397 6.21 -20.69 25.31
C PHE A 397 5.66 -22.07 24.84
N THR A 398 5.23 -22.94 25.75
CA THR A 398 4.95 -24.34 25.43
C THR A 398 3.57 -24.84 25.84
N ILE A 399 3.45 -25.33 27.05
CA ILE A 399 2.22 -25.95 27.46
C ILE A 399 1.09 -24.91 27.58
N ASN A 400 1.41 -23.69 28.00
CA ASN A 400 0.35 -22.68 28.17
C ASN A 400 -0.30 -22.34 26.83
N PRO A 401 0.48 -21.96 25.80
CA PRO A 401 -0.16 -21.74 24.48
C PRO A 401 -0.79 -22.99 23.88
N ALA A 402 -0.19 -24.18 24.09
CA ALA A 402 -0.82 -25.41 23.64
C ALA A 402 -2.22 -25.52 24.22
N ARG A 403 -2.40 -25.20 25.50
CA ARG A 403 -3.71 -25.37 26.13
C ARG A 403 -4.68 -24.34 25.62
N ILE A 404 -4.20 -23.17 25.28
CA ILE A 404 -5.10 -22.12 24.80
C ILE A 404 -5.76 -22.57 23.47
N ILE A 405 -4.98 -23.12 22.53
CA ILE A 405 -5.48 -23.61 21.25
C ILE A 405 -5.91 -25.11 21.19
N GLY A 406 -5.84 -25.79 22.32
CA GLY A 406 -6.32 -27.15 22.48
C GLY A 406 -5.61 -28.19 21.66
N VAL A 407 -4.29 -28.04 21.50
CA VAL A 407 -3.50 -29.03 20.80
C VAL A 407 -2.66 -29.87 21.77
N ASP A 408 -2.36 -31.11 21.40
CA ASP A 408 -1.63 -31.98 22.33
C ASP A 408 -0.14 -31.83 22.03
N LEU A 409 0.33 -30.59 22.09
CA LEU A 409 1.75 -30.25 21.92
C LEU A 409 2.29 -29.60 23.20
N GLY A 410 3.48 -28.98 23.16
CA GLY A 410 4.02 -28.32 24.33
C GLY A 410 4.45 -29.18 25.51
N THR A 411 4.65 -30.46 25.23
CA THR A 411 5.07 -31.48 26.21
C THR A 411 6.22 -32.32 25.64
N LEU A 412 6.86 -33.09 26.50
CA LEU A 412 7.78 -34.18 26.11
C LEU A 412 7.30 -35.51 26.66
N LYS A 413 5.99 -35.64 26.81
CA LYS A 413 5.37 -36.87 27.28
C LYS A 413 5.65 -38.03 26.35
N LEU A 414 5.85 -39.23 26.91
CA LEU A 414 6.18 -40.40 26.08
C LEU A 414 5.06 -40.58 25.05
N GLY A 415 5.45 -40.71 23.80
CA GLY A 415 4.52 -40.95 22.72
C GLY A 415 4.06 -39.72 21.99
N SER A 416 4.38 -38.53 22.51
CA SER A 416 4.03 -37.30 21.85
C SER A 416 4.99 -37.00 20.71
N PRO A 417 4.57 -36.17 19.77
CA PRO A 417 5.47 -35.73 18.70
C PRO A 417 6.75 -35.17 19.29
N ALA A 418 7.85 -35.52 18.63
CA ALA A 418 9.16 -35.06 19.10
C ALA A 418 9.45 -33.67 18.54
N ASP A 419 8.66 -32.74 19.05
CA ASP A 419 8.89 -31.32 18.82
C ASP A 419 9.69 -30.82 20.02
N ILE A 420 10.96 -30.44 19.79
CA ILE A 420 11.93 -30.20 20.82
C ILE A 420 12.76 -28.96 20.41
N THR A 421 12.95 -28.08 21.37
CA THR A 421 13.82 -26.90 21.26
C THR A 421 14.97 -27.03 22.23
N ILE A 422 16.13 -26.72 21.70
CA ILE A 422 17.40 -26.83 22.43
C ILE A 422 18.08 -25.47 22.35
N PHE A 423 18.24 -24.83 23.50
CA PHE A 423 18.74 -23.45 23.53
C PHE A 423 19.78 -23.16 24.60
N ASP A 424 20.57 -22.13 24.33
CA ASP A 424 21.57 -21.65 25.22
C ASP A 424 21.12 -20.30 25.76
N PRO A 425 20.78 -20.24 27.07
CA PRO A 425 20.27 -18.99 27.67
C PRO A 425 21.25 -17.83 27.65
N ASN A 426 22.52 -18.13 27.48
CA ASN A 426 23.58 -17.13 27.63
C ASN A 426 24.33 -16.82 26.34
N LYS A 427 23.87 -17.32 25.18
CA LYS A 427 24.59 -17.12 23.94
C LYS A 427 24.20 -15.74 23.35
N GLU A 428 25.17 -14.89 23.16
CA GLU A 428 24.93 -13.51 22.68
C GLU A 428 25.01 -13.50 21.15
N TRP A 429 24.18 -12.68 20.55
CA TRP A 429 24.07 -12.58 19.09
C TRP A 429 23.31 -11.31 18.77
N ILE A 430 23.26 -10.98 17.50
CA ILE A 430 22.60 -9.74 17.07
C ILE A 430 21.75 -10.07 15.86
N LEU A 431 20.51 -9.58 15.86
CA LEU A 431 19.68 -9.55 14.70
C LEU A 431 20.07 -8.40 13.78
N ASN A 432 20.59 -8.84 12.66
CA ASN A 432 21.10 -7.94 11.67
C ASN A 432 21.13 -8.61 10.30
N GLU A 433 21.80 -7.98 9.34
CA GLU A 433 21.82 -8.51 7.99
C GLU A 433 22.50 -9.85 7.88
N GLU A 434 23.31 -10.20 8.88
CA GLU A 434 23.90 -11.53 8.89
C GLU A 434 23.02 -12.62 9.40
N THR A 435 22.02 -12.28 10.19
CA THR A 435 21.19 -13.29 10.86
C THR A 435 19.71 -13.24 10.53
N ASN A 436 19.24 -12.12 10.02
CA ASN A 436 17.77 -11.93 9.78
C ASN A 436 17.21 -12.87 8.71
N LEU A 437 16.16 -13.60 9.05
CA LEU A 437 15.47 -14.50 8.07
C LEU A 437 14.09 -13.94 7.63
N SER A 438 13.66 -12.82 8.20
CA SER A 438 12.46 -12.10 7.74
C SER A 438 12.73 -11.32 6.46
N LYS A 439 11.69 -11.19 5.62
CA LYS A 439 11.70 -10.19 4.55
C LYS A 439 11.54 -8.74 5.04
N SER A 440 11.23 -8.56 6.32
CA SER A 440 11.15 -7.22 6.90
C SER A 440 12.19 -7.08 8.00
N ARG A 441 12.37 -5.87 8.50
CA ARG A 441 13.34 -5.56 9.55
C ARG A 441 12.78 -4.70 10.67
N ASN A 442 11.46 -4.67 10.79
CA ASN A 442 10.77 -3.72 11.67
C ASN A 442 10.76 -4.14 13.10
N THR A 443 11.84 -3.85 13.80
CA THR A 443 11.93 -4.14 15.23
C THR A 443 12.98 -3.21 15.86
N PRO A 444 12.72 -2.75 17.08
CA PRO A 444 13.68 -1.88 17.78
C PRO A 444 14.87 -2.66 18.26
N LEU A 445 14.80 -3.99 18.15
CA LEU A 445 15.94 -4.84 18.52
C LEU A 445 16.99 -4.93 17.43
N TRP A 446 16.66 -4.44 16.25
CA TRP A 446 17.63 -4.44 15.13
C TRP A 446 18.98 -3.91 15.58
N GLY A 447 20.00 -4.73 15.42
CA GLY A 447 21.37 -4.30 15.68
C GLY A 447 21.77 -4.31 17.16
N LYS A 448 20.86 -4.70 18.04
CA LYS A 448 21.14 -4.75 19.49
C LYS A 448 21.71 -6.12 19.92
N VAL A 449 22.55 -6.11 20.97
CA VAL A 449 23.05 -7.38 21.52
C VAL A 449 21.92 -8.08 22.32
N LEU A 450 21.60 -9.29 21.87
CA LEU A 450 20.64 -10.17 22.50
C LEU A 450 21.38 -11.29 23.21
N LYS A 451 20.78 -11.80 24.26
CA LYS A 451 21.37 -12.87 25.05
C LYS A 451 20.38 -14.00 25.21
N GLY A 452 20.75 -15.16 24.69
CA GLY A 452 19.86 -16.31 24.59
C GLY A 452 19.66 -16.68 23.14
N LYS A 453 19.92 -17.93 22.76
CA LYS A 453 19.81 -18.33 21.34
C LYS A 453 19.48 -19.81 21.24
N VAL A 454 18.59 -20.12 20.32
CA VAL A 454 18.24 -21.46 19.96
C VAL A 454 19.39 -22.09 19.16
N ILE A 455 19.81 -23.25 19.62
CA ILE A 455 20.86 -24.02 18.95
C ILE A 455 20.28 -25.11 17.98
N TYR A 456 19.20 -25.82 18.38
CA TYR A 456 18.56 -26.78 17.55
C TYR A 456 17.05 -26.70 17.74
N THR A 457 16.31 -26.87 16.65
CA THR A 457 14.85 -27.06 16.70
C THR A 457 14.55 -28.34 15.94
N ILE A 458 13.76 -29.21 16.55
CA ILE A 458 13.47 -30.55 16.07
C ILE A 458 11.96 -30.65 15.96
N LYS A 459 11.45 -30.97 14.79
CA LYS A 459 10.03 -31.13 14.54
C LYS A 459 9.75 -32.55 14.07
N ASP A 460 8.88 -33.26 14.80
CA ASP A 460 8.58 -34.69 14.57
C ASP A 460 9.86 -35.51 14.45
N GLY A 461 10.89 -35.19 15.27
CA GLY A 461 12.12 -35.93 15.28
C GLY A 461 13.17 -35.56 14.25
N LYS A 462 12.83 -34.59 13.37
CA LYS A 462 13.73 -34.11 12.34
C LYS A 462 14.26 -32.75 12.73
N MET A 463 15.55 -32.59 12.59
CA MET A 463 16.19 -31.30 12.79
C MET A 463 15.71 -30.34 11.69
N VAL A 464 14.98 -29.30 12.05
CA VAL A 464 14.60 -28.28 11.09
C VAL A 464 15.35 -26.94 11.25
N TYR A 465 16.10 -26.78 12.34
CA TYR A 465 17.00 -25.69 12.54
C TYR A 465 18.21 -26.13 13.34
N LYS A 466 19.39 -25.68 12.89
CA LYS A 466 20.63 -25.74 13.65
C LYS A 466 21.42 -24.43 13.52
N ASP A 467 21.92 -23.90 14.63
CA ASP A 467 22.72 -22.65 14.70
C ASP A 467 23.99 -22.86 13.91
N TRP B 45 17.80 7.75 -42.09
CA TRP B 45 17.24 9.05 -41.60
C TRP B 45 16.12 9.52 -42.59
N MET B 46 15.08 10.10 -42.03
CA MET B 46 14.01 10.72 -42.81
C MET B 46 13.94 12.19 -42.37
N LEU B 47 14.04 13.10 -43.33
CA LEU B 47 14.06 14.55 -43.05
C LEU B 47 12.68 15.19 -43.12
N LYS B 48 11.76 14.62 -43.93
CA LYS B 48 10.51 15.30 -44.25
C LYS B 48 9.34 14.35 -44.04
N LEU B 49 8.21 14.88 -43.59
CA LEU B 49 6.96 14.19 -43.43
C LEU B 49 5.86 15.10 -43.89
N ILE B 50 4.96 14.58 -44.72
CA ILE B 50 3.75 15.30 -45.09
C ILE B 50 2.58 14.65 -44.44
N VAL B 51 1.85 15.39 -43.62
CA VAL B 51 0.58 14.92 -43.14
C VAL B 51 -0.47 15.47 -44.14
N LYS B 52 -1.08 14.57 -44.95
CA LYS B 52 -1.88 15.00 -46.07
C LYS B 52 -3.34 14.70 -45.90
N ASN B 53 -4.18 15.54 -46.52
CA ASN B 53 -5.64 15.32 -46.59
C ASN B 53 -6.45 15.53 -45.32
N GLY B 54 -5.81 15.99 -44.27
CA GLY B 54 -6.50 16.24 -43.03
C GLY B 54 -7.30 17.52 -42.94
N TYR B 55 -8.11 17.63 -41.89
CA TYR B 55 -8.72 18.91 -41.58
C TYR B 55 -7.94 19.54 -40.43
N VAL B 56 -7.12 20.54 -40.76
CA VAL B 56 -6.22 21.18 -39.81
C VAL B 56 -6.99 22.20 -39.00
N ILE B 57 -6.81 22.20 -37.69
CA ILE B 57 -7.29 23.26 -36.81
C ILE B 57 -6.18 23.71 -35.89
N ASP B 58 -5.77 25.00 -35.97
CA ASP B 58 -4.77 25.59 -35.09
C ASP B 58 -5.36 26.92 -34.60
N PRO B 59 -6.14 26.89 -33.52
CA PRO B 59 -6.83 28.08 -33.02
C PRO B 59 -5.89 29.22 -32.67
N SER B 60 -4.65 28.90 -32.29
CA SER B 60 -3.67 29.90 -31.89
C SER B 60 -3.37 30.85 -33.04
N GLN B 61 -3.61 30.38 -34.27
CA GLN B 61 -3.41 31.18 -35.46
C GLN B 61 -4.70 31.49 -36.25
N ASN B 62 -5.84 31.19 -35.65
CA ASN B 62 -7.13 31.25 -36.33
C ASN B 62 -7.06 30.57 -37.71
N LEU B 63 -6.41 29.40 -37.71
CA LEU B 63 -6.22 28.61 -38.90
C LEU B 63 -7.08 27.39 -38.84
N GLU B 64 -7.86 27.20 -39.89
CA GLU B 64 -8.58 25.95 -40.02
C GLU B 64 -9.04 25.70 -41.44
N GLY B 65 -8.98 24.43 -41.84
CA GLY B 65 -9.39 24.06 -43.18
C GLY B 65 -8.63 22.81 -43.65
N GLU B 66 -9.03 22.34 -44.83
CA GLU B 66 -8.34 21.24 -45.47
C GLU B 66 -7.00 21.71 -45.98
N PHE B 67 -5.97 21.35 -45.24
CA PHE B 67 -4.60 21.73 -45.54
C PHE B 67 -3.71 20.46 -45.32
N ASP B 68 -2.62 20.38 -46.08
CA ASP B 68 -1.48 19.52 -45.77
C ASP B 68 -0.48 20.23 -44.83
N ILE B 69 0.26 19.45 -44.04
CA ILE B 69 1.35 19.99 -43.23
C ILE B 69 2.65 19.29 -43.58
N LEU B 70 3.62 20.08 -44.00
CA LEU B 70 5.00 19.61 -44.20
C LEU B 70 5.75 19.85 -42.90
N VAL B 71 6.32 18.77 -42.39
CA VAL B 71 7.18 18.76 -41.22
C VAL B 71 8.60 18.48 -41.75
N GLU B 72 9.53 19.32 -41.36
CA GLU B 72 10.92 19.11 -41.72
C GLU B 72 11.81 19.20 -40.47
N ASN B 73 12.60 18.15 -40.28
CA ASN B 73 13.60 18.11 -39.19
C ASN B 73 12.95 18.40 -37.85
N GLY B 74 11.73 17.85 -37.67
CA GLY B 74 11.05 17.88 -36.39
C GLY B 74 10.25 19.11 -36.08
N LYS B 75 10.21 20.05 -37.03
CA LYS B 75 9.45 21.27 -36.92
C LYS B 75 8.48 21.50 -38.07
N ILE B 76 7.46 22.30 -37.79
CA ILE B 76 6.45 22.67 -38.79
C ILE B 76 7.10 23.57 -39.81
N LYS B 77 7.07 23.17 -41.08
CA LYS B 77 7.75 23.86 -42.18
C LYS B 77 6.77 24.64 -43.06
N LYS B 78 5.65 24.02 -43.37
CA LYS B 78 4.67 24.67 -44.27
C LYS B 78 3.30 24.09 -44.04
N ILE B 79 2.28 24.95 -44.12
CA ILE B 79 0.87 24.50 -44.12
C ILE B 79 0.22 25.11 -45.37
N ASP B 80 -0.38 24.26 -46.21
CA ASP B 80 -0.85 24.76 -47.48
C ASP B 80 -1.82 23.72 -48.00
N LYS B 81 -2.63 24.09 -48.97
CA LYS B 81 -3.49 23.13 -49.64
C LYS B 81 -2.49 22.28 -50.48
N ASN B 82 -2.63 21.00 -50.58
CA ASN B 82 -1.83 20.32 -51.61
C ASN B 82 -0.30 20.52 -51.59
N ILE B 83 0.37 19.77 -50.73
CA ILE B 83 1.83 19.78 -50.72
C ILE B 83 2.35 18.40 -51.17
N LEU B 84 3.34 18.41 -52.09
CA LEU B 84 4.05 17.21 -52.51
C LEU B 84 5.48 17.59 -52.77
N VAL B 85 6.35 16.97 -51.98
CA VAL B 85 7.79 17.12 -52.10
C VAL B 85 8.37 15.69 -52.12
N PRO B 86 9.53 15.53 -52.79
CA PRO B 86 10.18 14.23 -52.83
C PRO B 86 10.86 13.85 -51.50
N GLU B 87 11.10 12.56 -51.36
CA GLU B 87 11.79 11.95 -50.23
C GLU B 87 11.08 12.17 -48.89
N ALA B 88 9.77 12.28 -48.91
CA ALA B 88 9.03 12.47 -47.67
C ALA B 88 8.23 11.29 -47.25
N GLU B 89 8.22 10.99 -45.97
CA GLU B 89 7.22 10.05 -45.45
C GLU B 89 5.85 10.70 -45.61
N ILE B 90 4.81 9.95 -45.94
CA ILE B 90 3.45 10.53 -45.97
C ILE B 90 2.54 9.84 -44.94
N ILE B 91 1.79 10.65 -44.22
CA ILE B 91 0.69 10.19 -43.38
C ILE B 91 -0.58 10.63 -44.01
N ASP B 92 -1.44 9.68 -44.40
CA ASP B 92 -2.69 10.03 -44.98
C ASP B 92 -3.74 10.25 -43.87
N ALA B 93 -4.02 11.51 -43.60
CA ALA B 93 -4.99 11.96 -42.61
C ALA B 93 -6.40 12.22 -43.13
N LYS B 94 -6.75 11.59 -44.27
CA LYS B 94 -8.03 11.86 -44.89
C LYS B 94 -9.13 11.39 -43.93
N GLY B 95 -10.12 12.25 -43.70
CA GLY B 95 -11.15 12.00 -42.70
C GLY B 95 -10.82 12.23 -41.24
N LEU B 96 -9.62 12.77 -40.97
CA LEU B 96 -9.15 12.98 -39.63
C LEU B 96 -8.90 14.49 -39.34
N ILE B 97 -9.05 14.84 -38.07
CA ILE B 97 -8.69 16.12 -37.54
C ILE B 97 -7.23 16.13 -37.18
N VAL B 98 -6.57 17.14 -37.67
CA VAL B 98 -5.14 17.38 -37.39
C VAL B 98 -4.97 18.66 -36.59
N CYS B 99 -4.33 18.57 -35.43
CA CYS B 99 -4.26 19.75 -34.55
C CYS B 99 -2.99 19.69 -33.72
N PRO B 100 -2.67 20.75 -32.97
CA PRO B 100 -1.52 20.72 -32.07
C PRO B 100 -1.66 19.57 -31.07
N GLY B 101 -0.54 18.98 -30.68
CA GLY B 101 -0.62 17.93 -29.67
C GLY B 101 -1.21 18.48 -28.38
N PHE B 102 -1.92 17.62 -27.69
CA PHE B 102 -2.61 18.04 -26.53
C PHE B 102 -1.63 18.16 -25.36
N ILE B 103 -2.04 18.98 -24.41
CA ILE B 103 -1.24 19.34 -23.21
C ILE B 103 -2.12 19.11 -21.99
N ASP B 104 -1.74 18.20 -21.07
CA ASP B 104 -2.49 17.97 -19.83
C ASP B 104 -1.72 18.55 -18.68
N ILE B 105 -2.24 19.62 -18.06
CA ILE B 105 -1.55 20.29 -16.97
C ILE B 105 -1.88 19.70 -15.56
N HIS B 106 -2.46 18.50 -15.50
CA HIS B 106 -2.80 17.91 -14.20
C HIS B 106 -2.82 16.38 -14.22
N VAL B 107 -1.62 15.79 -14.02
CA VAL B 107 -1.43 14.36 -14.01
C VAL B 107 -0.66 13.91 -12.77
N HIS B 108 -1.10 12.83 -12.16
CA HIS B 108 -0.43 12.12 -11.10
C HIS B 108 0.13 10.86 -11.65
N LEU B 109 1.46 10.83 -11.78
CA LEU B 109 2.13 9.70 -12.34
C LEU B 109 2.59 8.67 -11.30
N ARG B 110 2.49 9.04 -10.02
CA ARG B 110 2.69 8.10 -8.90
C ARG B 110 4.16 7.61 -8.81
N ASP B 111 5.09 8.40 -9.34
CA ASP B 111 6.48 7.92 -9.55
C ASP B 111 7.37 9.13 -9.29
N PRO B 112 8.21 9.12 -8.23
CA PRO B 112 8.45 7.93 -7.40
C PRO B 112 7.33 7.65 -6.39
N GLY B 113 7.32 6.42 -5.87
CA GLY B 113 6.73 6.12 -4.57
C GLY B 113 5.49 5.25 -4.55
N GLN B 114 4.75 5.23 -5.65
CA GLN B 114 3.60 4.32 -5.77
C GLN B 114 3.51 3.75 -7.16
N THR B 115 4.61 3.18 -7.63
CA THR B 115 4.71 2.79 -9.05
C THR B 115 3.89 1.57 -9.47
N TYR B 116 3.36 0.85 -8.50
CA TYR B 116 2.39 -0.21 -8.80
C TYR B 116 1.06 0.40 -9.25
N LYS B 117 0.82 1.69 -8.97
CA LYS B 117 -0.45 2.29 -9.39
C LYS B 117 -0.34 2.92 -10.78
N GLU B 118 0.86 3.36 -11.12
CA GLU B 118 1.15 4.02 -12.36
C GLU B 118 2.65 4.36 -12.28
N ASP B 119 3.28 4.43 -13.41
CA ASP B 119 4.62 4.96 -13.45
C ASP B 119 4.82 5.89 -14.63
N ILE B 120 6.00 6.51 -14.70
CA ILE B 120 6.19 7.50 -15.77
C ILE B 120 5.96 6.81 -17.13
N GLU B 121 6.38 5.57 -17.28
CA GLU B 121 6.23 4.88 -18.56
C GLU B 121 4.75 4.63 -18.88
N SER B 122 4.02 4.07 -17.91
CA SER B 122 2.64 3.68 -18.17
C SER B 122 1.76 4.93 -18.32
N GLY B 123 2.00 5.95 -17.51
CA GLY B 123 1.25 7.18 -17.67
C GLY B 123 1.60 7.87 -18.99
N SER B 124 2.87 7.81 -19.43
CA SER B 124 3.21 8.30 -20.75
C SER B 124 2.57 7.57 -21.87
N ARG B 125 2.45 6.24 -21.77
CA ARG B 125 1.73 5.49 -22.77
C ARG B 125 0.28 5.91 -22.84
N CYS B 126 -0.43 5.98 -21.72
CA CYS B 126 -1.77 6.53 -21.66
C CYS B 126 -1.84 7.89 -22.37
N ALA B 127 -0.90 8.78 -22.05
CA ALA B 127 -0.91 10.17 -22.55
C ALA B 127 -0.90 10.15 -24.05
N VAL B 128 0.10 9.49 -24.64
CA VAL B 128 0.19 9.53 -26.08
C VAL B 128 -0.95 8.80 -26.78
N ALA B 129 -1.45 7.74 -26.19
CA ALA B 129 -2.62 7.09 -26.76
C ALA B 129 -3.85 8.00 -26.73
N GLY B 130 -3.84 8.92 -25.78
CA GLY B 130 -4.85 9.95 -25.59
C GLY B 130 -4.65 11.23 -26.39
N GLY B 131 -3.57 11.28 -27.17
CA GLY B 131 -3.29 12.47 -27.95
C GLY B 131 -2.40 13.54 -27.32
N PHE B 132 -1.90 13.31 -26.09
CA PHE B 132 -1.06 14.22 -25.36
C PHE B 132 0.39 14.05 -25.71
N THR B 133 0.99 15.15 -26.14
CA THR B 133 2.42 15.26 -26.35
C THR B 133 3.17 15.89 -25.20
N THR B 134 2.45 16.55 -24.28
CA THR B 134 3.05 17.17 -23.09
C THR B 134 2.15 16.97 -21.93
N ILE B 135 2.71 16.53 -20.79
CA ILE B 135 1.91 16.39 -19.58
C ILE B 135 2.72 17.02 -18.46
N VAL B 136 1.99 17.52 -17.46
CA VAL B 136 2.56 18.15 -16.28
C VAL B 136 2.28 17.23 -15.09
N CYS B 137 3.35 16.76 -14.40
CA CYS B 137 3.14 15.85 -13.29
C CYS B 137 3.11 16.60 -11.96
N MET B 138 2.18 16.20 -11.09
CA MET B 138 2.04 16.77 -9.78
C MET B 138 3.10 16.25 -8.79
N PRO B 139 3.36 17.04 -7.73
CA PRO B 139 4.53 16.77 -6.87
C PRO B 139 4.31 15.96 -5.62
N ASN B 140 3.14 15.35 -5.43
CA ASN B 140 2.87 14.53 -4.27
C ASN B 140 3.27 13.08 -4.47
N THR B 141 4.42 12.89 -5.12
CA THR B 141 5.14 11.65 -5.14
C THR B 141 5.83 11.41 -3.78
N ASN B 142 6.48 10.26 -3.68
CA ASN B 142 7.22 9.91 -2.48
C ASN B 142 8.59 9.35 -2.87
N PRO B 143 9.65 10.11 -2.64
CA PRO B 143 9.63 11.46 -2.02
C PRO B 143 8.96 12.52 -2.91
N PRO B 144 8.49 13.61 -2.30
CA PRO B 144 7.79 14.66 -3.07
C PRO B 144 8.77 15.44 -3.92
N ILE B 145 8.26 16.19 -4.88
CA ILE B 145 9.13 16.99 -5.70
C ILE B 145 9.52 18.35 -5.10
N ASP B 146 10.43 18.31 -4.13
CA ASP B 146 10.89 19.55 -3.45
C ASP B 146 12.37 19.74 -3.43
N ASN B 147 13.07 18.98 -4.26
CA ASN B 147 14.50 19.14 -4.42
C ASN B 147 14.85 18.70 -5.82
N THR B 148 15.99 19.15 -6.28
CA THR B 148 16.39 18.95 -7.68
C THR B 148 16.75 17.48 -8.03
N THR B 149 17.04 16.69 -7.03
CA THR B 149 17.30 15.25 -7.24
C THR B 149 16.04 14.58 -7.69
N VAL B 150 14.92 14.92 -7.05
CA VAL B 150 13.65 14.41 -7.49
C VAL B 150 13.26 14.91 -8.88
N VAL B 151 13.52 16.21 -9.12
CA VAL B 151 13.25 16.80 -10.45
C VAL B 151 14.03 16.07 -11.54
N ASN B 152 15.33 15.88 -11.30
CA ASN B 152 16.17 15.16 -12.24
C ASN B 152 15.71 13.72 -12.48
N TYR B 153 15.28 13.03 -11.44
CA TYR B 153 14.78 11.67 -11.63
C TYR B 153 13.67 11.65 -12.68
N ILE B 154 12.74 12.56 -12.53
CA ILE B 154 11.56 12.63 -13.42
C ILE B 154 11.96 12.94 -14.87
N LEU B 155 12.81 13.93 -15.02
CA LEU B 155 13.28 14.37 -16.33
C LEU B 155 14.06 13.26 -17.01
N GLN B 156 14.90 12.56 -16.26
CA GLN B 156 15.67 11.44 -16.88
C GLN B 156 14.75 10.25 -17.30
N LYS B 157 13.76 9.92 -16.45
CA LYS B 157 12.75 8.92 -16.79
C LYS B 157 12.01 9.29 -18.06
N SER B 158 11.57 10.53 -18.17
CA SER B 158 10.87 11.01 -19.34
C SER B 158 11.77 10.85 -20.58
N LYS B 159 13.03 11.17 -20.45
CA LYS B 159 13.94 11.05 -21.62
C LYS B 159 14.12 9.60 -22.03
N SER B 160 14.23 8.68 -21.05
CA SER B 160 14.38 7.27 -21.39
C SER B 160 13.11 6.67 -21.94
N VAL B 161 11.93 7.09 -21.47
CA VAL B 161 10.66 6.56 -21.97
C VAL B 161 10.39 7.04 -23.41
N GLY B 162 10.67 8.31 -23.67
CA GLY B 162 10.70 8.87 -25.02
C GLY B 162 9.36 8.87 -25.74
N LEU B 163 8.31 9.19 -25.01
CA LEU B 163 7.00 9.35 -25.67
C LEU B 163 6.66 10.84 -25.50
N CYS B 164 5.91 11.26 -24.49
CA CYS B 164 5.46 12.65 -24.30
C CYS B 164 6.54 13.36 -23.46
N ARG B 165 6.54 14.68 -23.54
CA ARG B 165 7.34 15.54 -22.68
C ARG B 165 6.61 15.55 -21.31
N VAL B 166 7.34 15.19 -20.26
CA VAL B 166 6.83 15.19 -18.91
C VAL B 166 7.47 16.41 -18.21
N LEU B 167 6.64 17.38 -17.81
CA LEU B 167 7.08 18.60 -17.15
C LEU B 167 6.76 18.51 -15.69
N PRO B 168 7.77 18.58 -14.83
CA PRO B 168 7.51 18.46 -13.40
C PRO B 168 6.98 19.80 -12.83
N THR B 169 6.35 19.71 -11.67
CA THR B 169 6.07 20.81 -10.82
C THR B 169 6.82 20.62 -9.49
N GLY B 170 7.05 21.74 -8.80
CA GLY B 170 7.54 21.69 -7.44
C GLY B 170 6.44 21.82 -6.42
N THR B 171 6.76 21.44 -5.19
CA THR B 171 5.94 21.78 -4.07
C THR B 171 5.95 23.30 -3.73
N ILE B 172 4.91 23.77 -3.05
CA ILE B 172 4.95 25.14 -2.49
C ILE B 172 5.77 25.16 -1.21
N THR B 173 5.66 24.12 -0.37
CA THR B 173 6.42 24.06 0.85
C THR B 173 7.23 22.80 0.96
N LYS B 174 8.26 22.85 1.80
CA LYS B 174 9.10 21.69 1.99
C LYS B 174 8.23 20.55 2.55
N GLY B 175 8.42 19.36 1.97
CA GLY B 175 7.65 18.17 2.28
C GLY B 175 6.17 18.23 2.02
N ARG B 176 5.68 19.31 1.39
CA ARG B 176 4.26 19.65 1.30
C ARG B 176 3.61 19.74 2.68
N LYS B 177 4.44 20.08 3.68
CA LYS B 177 4.03 20.12 5.08
C LYS B 177 3.31 21.43 5.46
N GLY B 178 3.48 22.46 4.64
CA GLY B 178 2.68 23.67 4.73
C GLY B 178 3.25 24.77 5.64
N LYS B 179 4.52 24.62 6.00
CA LYS B 179 5.18 25.50 6.95
C LYS B 179 6.28 26.39 6.36
N GLU B 180 7.05 25.84 5.43
CA GLU B 180 8.29 26.46 4.99
C GLU B 180 8.30 26.53 3.49
N ILE B 181 8.37 27.74 2.93
CA ILE B 181 8.41 27.86 1.47
C ILE B 181 9.57 27.05 0.87
N ALA B 182 9.31 26.38 -0.26
CA ALA B 182 10.32 25.58 -0.96
C ALA B 182 11.23 26.52 -1.74
N ASP B 183 12.32 25.98 -2.28
CA ASP B 183 13.24 26.79 -3.05
C ASP B 183 12.72 26.85 -4.50
N PHE B 184 11.86 27.83 -4.79
CA PHE B 184 11.22 27.88 -6.11
C PHE B 184 12.30 28.22 -7.14
N TYR B 185 13.27 29.03 -6.76
CA TYR B 185 14.27 29.45 -7.74
C TYR B 185 15.05 28.24 -8.26
N SER B 186 15.56 27.43 -7.34
CA SER B 186 16.36 26.23 -7.70
C SER B 186 15.49 25.20 -8.44
N LEU B 187 14.24 25.11 -8.04
CA LEU B 187 13.34 24.10 -8.60
C LEU B 187 12.92 24.54 -9.99
N LYS B 188 12.65 25.82 -10.18
CA LYS B 188 12.34 26.28 -11.52
C LYS B 188 13.51 26.09 -12.48
N GLU B 189 14.70 26.50 -12.03
CA GLU B 189 15.91 26.33 -12.83
C GLU B 189 16.15 24.85 -13.21
N ALA B 190 15.77 23.91 -12.34
CA ALA B 190 15.91 22.45 -12.64
C ALA B 190 14.86 21.94 -13.62
N GLY B 191 13.78 22.69 -13.78
CA GLY B 191 12.78 22.44 -14.80
C GLY B 191 11.32 22.41 -14.37
N CYS B 192 11.05 22.76 -13.12
CA CYS B 192 9.68 22.93 -12.66
C CYS B 192 8.99 24.09 -13.35
N VAL B 193 7.74 23.83 -13.72
CA VAL B 193 6.96 24.80 -14.48
C VAL B 193 5.83 25.48 -13.68
N ALA B 194 5.54 24.97 -12.47
CA ALA B 194 4.53 25.52 -11.57
C ALA B 194 4.81 24.99 -10.17
N PHE B 195 4.08 25.49 -9.18
CA PHE B 195 4.25 25.04 -7.77
C PHE B 195 2.88 24.79 -7.17
N THR B 196 2.80 23.71 -6.44
CA THR B 196 1.58 23.38 -5.79
C THR B 196 1.87 22.46 -4.63
N ASP B 197 1.04 22.51 -3.59
CA ASP B 197 1.14 21.51 -2.52
C ASP B 197 0.15 20.41 -2.76
N ASP B 198 -0.54 20.47 -3.89
CA ASP B 198 -1.37 19.39 -4.42
C ASP B 198 -0.93 18.06 -3.91
N GLY B 199 -2.00 17.35 -3.58
CA GLY B 199 -2.16 16.62 -2.42
C GLY B 199 -3.11 17.45 -1.58
N SER B 200 -2.62 18.58 -1.13
CA SER B 200 -3.29 19.25 -0.03
C SER B 200 -3.13 20.75 -0.16
N PRO B 201 -4.24 21.43 -0.41
CA PRO B 201 -4.20 22.88 -0.62
C PRO B 201 -3.56 23.65 0.50
N VAL B 202 -3.06 24.84 0.18
CA VAL B 202 -2.36 25.65 1.16
C VAL B 202 -3.41 26.19 2.13
N MET B 203 -3.21 25.90 3.42
CA MET B 203 -4.13 26.35 4.47
C MET B 203 -3.78 27.74 5.01
N ASP B 204 -2.49 28.06 5.05
CA ASP B 204 -1.99 29.28 5.70
C ASP B 204 -1.98 30.37 4.62
N SER B 205 -2.83 31.38 4.78
CA SER B 205 -2.94 32.45 3.81
C SER B 205 -1.57 33.11 3.65
N SER B 206 -0.78 33.22 4.73
CA SER B 206 0.54 33.82 4.63
C SER B 206 1.52 33.00 3.74
N VAL B 207 1.50 31.69 3.86
CA VAL B 207 2.22 30.79 2.95
C VAL B 207 1.77 30.98 1.48
N MET B 208 0.46 30.94 1.23
CA MET B 208 -0.08 31.17 -0.12
C MET B 208 0.34 32.58 -0.64
N ARG B 209 0.28 33.59 0.24
CA ARG B 209 0.70 34.92 -0.16
C ARG B 209 2.15 34.92 -0.62
N LYS B 210 3.03 34.35 0.17
CA LYS B 210 4.46 34.34 -0.17
C LYS B 210 4.72 33.53 -1.44
N ALA B 211 4.01 32.41 -1.58
CA ALA B 211 4.13 31.57 -2.78
C ALA B 211 3.80 32.39 -4.03
N LEU B 212 2.67 33.12 -3.99
CA LEU B 212 2.30 33.97 -5.10
C LEU B 212 3.29 35.10 -5.34
N GLU B 213 3.91 35.64 -4.28
CA GLU B 213 4.93 36.65 -4.46
C GLU B 213 6.12 36.14 -5.25
N LEU B 214 6.66 35.02 -4.81
CA LEU B 214 7.78 34.37 -5.48
C LEU B 214 7.41 33.92 -6.90
N ALA B 215 6.21 33.38 -7.04
CA ALA B 215 5.76 32.96 -8.37
C ALA B 215 5.67 34.12 -9.36
N SER B 216 5.17 35.27 -8.90
CA SER B 216 5.10 36.48 -9.72
C SER B 216 6.50 36.91 -10.14
N GLN B 217 7.44 36.84 -9.22
CA GLN B 217 8.85 37.15 -9.54
C GLN B 217 9.42 36.22 -10.58
N LEU B 218 9.03 34.93 -10.53
CA LEU B 218 9.54 33.92 -11.47
C LEU B 218 8.78 33.77 -12.77
N GLY B 219 7.60 34.34 -12.85
CA GLY B 219 6.76 34.15 -14.00
C GLY B 219 6.15 32.79 -14.17
N VAL B 220 5.84 32.08 -13.08
CA VAL B 220 5.17 30.77 -13.16
C VAL B 220 3.90 30.81 -12.30
N PRO B 221 2.95 29.93 -12.56
CA PRO B 221 1.71 29.85 -11.75
C PRO B 221 1.88 29.08 -10.46
N ILE B 222 0.98 29.36 -9.53
CA ILE B 222 0.69 28.53 -8.37
C ILE B 222 -0.55 27.78 -8.70
N MET B 223 -0.51 26.48 -8.58
CA MET B 223 -1.69 25.66 -8.75
C MET B 223 -2.22 25.32 -7.36
N ASP B 224 -3.51 25.41 -7.14
CA ASP B 224 -4.10 25.21 -5.82
C ASP B 224 -5.48 24.61 -5.90
N HIS B 225 -5.82 23.90 -4.83
CA HIS B 225 -7.13 23.32 -4.64
C HIS B 225 -7.33 22.05 -5.44
N CYS B 226 -6.37 21.14 -5.31
CA CYS B 226 -6.54 19.69 -5.60
C CYS B 226 -6.29 18.97 -4.30
N GLU B 227 -7.19 18.05 -3.95
CA GLU B 227 -7.13 17.29 -2.70
C GLU B 227 -6.81 15.82 -2.98
N ASP B 228 -5.98 15.55 -3.99
CA ASP B 228 -5.60 14.18 -4.31
C ASP B 228 -5.07 13.41 -3.10
N ASP B 229 -4.52 14.09 -2.10
CA ASP B 229 -3.92 13.37 -0.97
C ASP B 229 -4.95 12.56 -0.19
N LYS B 230 -6.18 13.07 -0.17
CA LYS B 230 -7.28 12.38 0.49
C LYS B 230 -7.27 10.88 0.15
N LEU B 231 -7.04 10.54 -1.11
CA LEU B 231 -6.97 9.13 -1.48
C LEU B 231 -5.63 8.57 -2.03
N ALA B 232 -4.60 9.41 -2.18
CA ALA B 232 -3.25 8.90 -2.49
C ALA B 232 -2.58 8.41 -1.22
N GLU B 253 -18.50 25.17 2.52
CA GLU B 253 -18.10 26.24 1.57
C GLU B 253 -16.62 26.46 1.59
N ALA B 254 -15.88 25.44 1.97
CA ALA B 254 -14.45 25.56 2.00
C ALA B 254 -13.88 25.83 0.59
N GLU B 255 -14.50 25.23 -0.44
CA GLU B 255 -13.97 25.42 -1.79
C GLU B 255 -14.10 26.91 -2.17
N GLU B 256 -15.28 27.48 -1.97
CA GLU B 256 -15.58 28.83 -2.45
C GLU B 256 -14.68 29.83 -1.68
N ILE B 257 -14.47 29.56 -0.40
CA ILE B 257 -13.68 30.45 0.45
C ILE B 257 -12.22 30.38 0.02
N GLN B 258 -11.71 29.18 -0.29
CA GLN B 258 -10.31 29.03 -0.75
C GLN B 258 -10.06 29.69 -2.08
N ILE B 259 -11.03 29.55 -2.98
CA ILE B 259 -10.94 30.18 -4.31
C ILE B 259 -10.98 31.73 -4.17
N ALA B 260 -11.86 32.24 -3.33
CA ALA B 260 -11.92 33.70 -3.09
C ALA B 260 -10.61 34.19 -2.51
N ARG B 261 -10.10 33.48 -1.52
CA ARG B 261 -8.84 33.83 -0.91
C ARG B 261 -7.74 33.89 -1.97
N ASP B 262 -7.69 32.84 -2.78
CA ASP B 262 -6.66 32.76 -3.83
C ASP B 262 -6.74 33.92 -4.84
N GLY B 263 -7.94 34.31 -5.26
CA GLY B 263 -8.10 35.41 -6.17
C GLY B 263 -7.67 36.72 -5.56
N ILE B 264 -7.99 36.91 -4.28
CA ILE B 264 -7.61 38.10 -3.53
C ILE B 264 -6.10 38.19 -3.42
N LEU B 265 -5.44 37.09 -3.08
CA LEU B 265 -3.97 37.09 -2.96
C LEU B 265 -3.33 37.25 -4.33
N ALA B 266 -3.92 36.64 -5.38
CA ALA B 266 -3.36 36.82 -6.73
C ALA B 266 -3.45 38.28 -7.14
N GLN B 267 -4.58 38.92 -6.86
CA GLN B 267 -4.71 40.34 -7.17
C GLN B 267 -3.67 41.19 -6.46
N ARG B 268 -3.46 40.94 -5.18
CA ARG B 268 -2.56 41.78 -4.42
C ARG B 268 -1.08 41.59 -4.78
N THR B 269 -0.69 40.35 -5.12
CA THR B 269 0.70 40.00 -5.42
C THR B 269 1.09 40.16 -6.86
N GLY B 270 0.11 40.22 -7.74
CA GLY B 270 0.33 40.15 -9.18
C GLY B 270 0.60 38.73 -9.70
N GLY B 271 0.59 37.74 -8.80
CA GLY B 271 0.87 36.36 -9.19
C GLY B 271 -0.30 35.66 -9.87
N HIS B 272 0.00 34.62 -10.62
CA HIS B 272 -0.95 33.79 -11.35
C HIS B 272 -1.31 32.57 -10.49
N VAL B 273 -2.59 32.47 -10.16
CA VAL B 273 -3.14 31.28 -9.51
C VAL B 273 -4.03 30.46 -10.46
N HIS B 274 -3.82 29.16 -10.43
CA HIS B 274 -4.57 28.23 -11.25
C HIS B 274 -5.32 27.31 -10.32
N ILE B 275 -6.66 27.33 -10.46
CA ILE B 275 -7.57 26.57 -9.63
C ILE B 275 -7.80 25.18 -10.24
N GLN B 276 -7.32 24.20 -9.49
CA GLN B 276 -7.22 22.81 -10.00
C GLN B 276 -8.52 22.12 -9.93
N HIS B 277 -9.39 22.55 -9.05
CA HIS B 277 -10.66 21.85 -8.93
C HIS B 277 -11.80 22.81 -8.59
N VAL B 278 -12.85 22.78 -9.40
CA VAL B 278 -14.04 23.57 -9.15
C VAL B 278 -15.22 22.64 -9.26
N SER B 279 -16.22 22.85 -8.41
CA SER B 279 -17.40 21.98 -8.36
C SER B 279 -18.75 22.68 -8.22
N THR B 280 -18.78 24.00 -8.02
CA THR B 280 -20.06 24.71 -7.83
C THR B 280 -20.16 25.92 -8.74
N LYS B 281 -21.41 26.31 -8.98
CA LYS B 281 -21.76 27.54 -9.66
C LYS B 281 -21.12 28.77 -8.99
N LEU B 282 -21.19 28.86 -7.66
CA LEU B 282 -20.66 30.02 -6.97
C LEU B 282 -19.16 30.11 -7.17
N SER B 283 -18.46 28.98 -7.11
CA SER B 283 -17.01 28.99 -7.38
C SER B 283 -16.68 29.59 -8.76
N LEU B 284 -17.42 29.18 -9.78
CA LEU B 284 -17.23 29.67 -11.14
C LEU B 284 -17.55 31.16 -11.25
N GLU B 285 -18.58 31.62 -10.55
CA GLU B 285 -18.94 33.03 -10.53
C GLU B 285 -17.83 33.84 -9.89
N ILE B 286 -17.24 33.29 -8.84
CA ILE B 286 -16.18 33.97 -8.14
C ILE B 286 -15.00 34.09 -9.07
N ILE B 287 -14.67 32.99 -9.75
CA ILE B 287 -13.54 32.96 -10.69
C ILE B 287 -13.74 34.00 -11.81
N GLU B 288 -14.96 34.03 -12.37
CA GLU B 288 -15.33 34.96 -13.44
C GLU B 288 -15.19 36.43 -12.97
N PHE B 289 -15.59 36.70 -11.72
CA PHE B 289 -15.43 38.01 -11.08
C PHE B 289 -13.97 38.48 -11.10
N PHE B 290 -13.08 37.66 -10.60
CA PHE B 290 -11.67 37.95 -10.57
C PHE B 290 -11.09 38.09 -11.95
N LYS B 291 -11.49 37.26 -12.89
CA LYS B 291 -11.00 37.38 -14.28
C LYS B 291 -11.43 38.70 -14.92
N GLU B 292 -12.71 39.06 -14.74
CA GLU B 292 -13.23 40.32 -15.24
C GLU B 292 -12.53 41.54 -14.65
N LYS B 293 -12.04 41.44 -13.41
CA LYS B 293 -11.28 42.53 -12.78
C LYS B 293 -9.76 42.51 -13.09
N GLY B 294 -9.33 41.67 -14.02
CA GLY B 294 -7.94 41.66 -14.52
C GLY B 294 -6.94 40.81 -13.72
N VAL B 295 -7.46 40.04 -12.78
CA VAL B 295 -6.63 39.13 -11.97
C VAL B 295 -6.21 37.88 -12.77
N LYS B 296 -4.97 37.43 -12.57
CA LYS B 296 -4.39 36.29 -13.28
C LYS B 296 -4.86 35.02 -12.55
N ILE B 297 -6.08 34.63 -12.85
CA ILE B 297 -6.69 33.42 -12.30
C ILE B 297 -7.24 32.59 -13.46
N THR B 298 -6.92 31.31 -13.45
CA THR B 298 -7.44 30.37 -14.42
C THR B 298 -7.96 29.15 -13.69
N CYS B 299 -8.55 28.28 -14.46
CA CYS B 299 -9.10 27.05 -13.92
C CYS B 299 -9.31 25.97 -14.95
N GLU B 300 -9.60 24.77 -14.48
CA GLU B 300 -9.65 23.61 -15.36
C GLU B 300 -10.85 22.75 -14.98
N VAL B 301 -11.18 21.80 -15.88
CA VAL B 301 -12.13 20.72 -15.55
C VAL B 301 -11.71 19.45 -16.29
N ASN B 302 -11.97 18.31 -15.64
CA ASN B 302 -11.79 16.97 -16.19
C ASN B 302 -12.99 16.65 -17.10
N PRO B 303 -12.77 16.56 -18.42
CA PRO B 303 -13.90 16.21 -19.31
C PRO B 303 -14.51 14.83 -19.07
N ASN B 304 -13.72 13.91 -18.52
CA ASN B 304 -14.16 12.59 -18.16
C ASN B 304 -15.23 12.55 -17.07
N HIS B 305 -15.15 13.54 -16.19
CA HIS B 305 -16.07 13.78 -15.06
C HIS B 305 -17.47 14.27 -15.46
N LEU B 306 -17.59 14.85 -16.65
CA LEU B 306 -18.76 15.61 -17.03
C LEU B 306 -19.86 14.81 -17.77
N LEU B 307 -19.71 13.50 -17.84
CA LEU B 307 -20.61 12.66 -18.62
C LEU B 307 -21.73 12.14 -17.70
N ARG B 332 -21.81 17.65 -13.30
CA ARG B 332 -22.67 18.73 -12.81
C ARG B 332 -22.91 19.81 -13.88
N LEU B 333 -24.11 20.37 -13.83
CA LEU B 333 -24.61 21.25 -14.87
C LEU B 333 -24.01 22.61 -14.88
N ALA B 334 -23.69 23.15 -13.69
CA ALA B 334 -22.99 24.42 -13.58
C ALA B 334 -21.59 24.30 -14.21
N LEU B 335 -20.91 23.16 -14.05
CA LEU B 335 -19.59 23.00 -14.65
C LEU B 335 -19.72 23.06 -16.17
N ILE B 336 -20.74 22.38 -16.70
CA ILE B 336 -20.98 22.38 -18.13
C ILE B 336 -21.24 23.81 -18.58
N GLU B 337 -21.99 24.56 -17.79
CA GLU B 337 -22.22 25.96 -18.11
C GLU B 337 -20.93 26.79 -18.05
N GLY B 338 -20.02 26.51 -17.13
CA GLY B 338 -18.73 27.23 -17.05
C GLY B 338 -17.83 27.01 -18.25
N VAL B 339 -17.92 25.80 -18.82
CA VAL B 339 -17.20 25.44 -20.03
C VAL B 339 -17.84 26.17 -21.22
N LYS B 340 -19.15 26.08 -21.32
CA LYS B 340 -19.90 26.75 -22.37
C LYS B 340 -19.52 28.26 -22.41
N ARG B 341 -19.55 28.91 -21.25
CA ARG B 341 -19.24 30.33 -21.14
C ARG B 341 -17.77 30.75 -21.19
N GLY B 342 -16.82 29.83 -21.14
CA GLY B 342 -15.42 30.28 -21.16
C GLY B 342 -14.84 30.64 -19.80
N ILE B 343 -15.55 30.35 -18.71
CA ILE B 343 -14.98 30.57 -17.39
C ILE B 343 -13.82 29.57 -17.15
N ILE B 344 -14.11 28.32 -17.48
CA ILE B 344 -13.14 27.22 -17.42
C ILE B 344 -12.19 27.30 -18.63
N ASP B 345 -10.92 27.48 -18.33
CA ASP B 345 -9.93 27.76 -19.33
C ASP B 345 -9.50 26.54 -20.12
N CYS B 346 -9.39 25.39 -19.44
CA CYS B 346 -8.85 24.20 -20.14
C CYS B 346 -9.47 22.91 -19.61
N PHE B 347 -9.33 21.87 -20.43
CA PHE B 347 -9.51 20.51 -19.96
C PHE B 347 -8.17 20.07 -19.34
N ALA B 348 -8.23 19.51 -18.16
CA ALA B 348 -7.06 18.84 -17.55
C ALA B 348 -7.62 17.64 -16.86
N THR B 349 -6.98 16.49 -17.02
CA THR B 349 -7.62 15.26 -16.55
C THR B 349 -7.62 15.05 -15.07
N ASP B 350 -6.67 15.60 -14.34
CA ASP B 350 -6.45 15.17 -12.96
C ASP B 350 -6.42 13.65 -12.97
N HIS B 351 -5.61 13.09 -13.89
CA HIS B 351 -5.35 11.67 -14.02
C HIS B 351 -4.83 11.17 -12.64
N ALA B 352 -5.62 10.35 -11.97
CA ALA B 352 -5.41 10.01 -10.55
C ALA B 352 -5.59 8.51 -10.34
N PRO B 353 -4.56 7.75 -10.67
CA PRO B 353 -4.57 6.30 -10.52
C PRO B 353 -4.68 5.85 -9.07
N HIS B 354 -5.58 4.95 -8.83
CA HIS B 354 -5.77 4.44 -7.48
C HIS B 354 -6.14 2.96 -7.62
N GLN B 355 -5.73 2.19 -6.61
CA GLN B 355 -6.05 0.77 -6.61
C GLN B 355 -7.28 0.54 -5.74
N THR B 356 -7.17 -0.36 -4.75
CA THR B 356 -8.30 -1.16 -4.16
C THR B 356 -9.30 -1.74 -5.18
N PRO B 367 -14.13 8.58 -6.77
CA PRO B 367 -13.56 9.92 -6.54
C PRO B 367 -12.58 10.40 -7.65
N GLY B 368 -11.26 10.39 -7.42
CA GLY B 368 -10.24 10.58 -8.47
C GLY B 368 -10.18 9.38 -9.41
N ILE B 369 -10.04 9.66 -10.70
CA ILE B 369 -10.13 8.66 -11.74
C ILE B 369 -8.98 8.83 -12.75
N ILE B 370 -8.62 7.73 -13.40
CA ILE B 370 -7.70 7.80 -14.55
C ILE B 370 -8.48 8.44 -15.71
N GLY B 371 -7.75 9.08 -16.65
CA GLY B 371 -8.45 9.75 -17.71
C GLY B 371 -7.66 10.22 -18.90
N LEU B 372 -6.31 10.09 -18.89
CA LEU B 372 -5.56 10.51 -20.05
C LEU B 372 -6.07 9.86 -21.34
N GLN B 373 -6.30 8.58 -21.30
CA GLN B 373 -6.62 7.79 -22.48
C GLN B 373 -8.05 8.01 -22.97
N THR B 374 -8.94 8.60 -22.16
CA THR B 374 -10.34 8.82 -22.53
C THR B 374 -10.75 10.30 -22.63
N ALA B 375 -9.83 11.21 -22.36
CA ALA B 375 -10.15 12.66 -22.28
C ALA B 375 -10.81 13.13 -23.57
N LEU B 376 -10.26 12.74 -24.70
CA LEU B 376 -10.75 13.19 -25.98
C LEU B 376 -12.18 12.71 -26.28
N PRO B 377 -12.51 11.42 -26.23
CA PRO B 377 -13.91 11.03 -26.49
C PRO B 377 -14.87 11.63 -25.47
N SER B 378 -14.42 11.84 -24.23
CA SER B 378 -15.29 12.49 -23.24
C SER B 378 -15.55 13.97 -23.67
N ALA B 379 -14.53 14.70 -24.10
CA ALA B 379 -14.76 16.04 -24.52
C ALA B 379 -15.58 16.08 -25.82
N LEU B 380 -15.42 15.09 -26.69
CA LEU B 380 -16.17 15.09 -27.94
C LEU B 380 -17.66 14.91 -27.69
N GLU B 381 -18.01 14.27 -26.58
CA GLU B 381 -19.42 14.20 -26.23
C GLU B 381 -20.01 15.60 -25.98
N LEU B 382 -19.27 16.44 -25.31
CA LEU B 382 -19.68 17.86 -25.17
C LEU B 382 -19.88 18.54 -26.52
N TYR B 383 -18.96 18.34 -27.46
CA TYR B 383 -19.08 18.88 -28.80
C TYR B 383 -20.33 18.38 -29.52
N ARG B 384 -20.59 17.08 -29.40
CA ARG B 384 -21.76 16.46 -30.02
C ARG B 384 -23.08 16.94 -29.37
N LYS B 385 -23.05 17.34 -28.10
CA LYS B 385 -24.24 17.83 -27.42
C LYS B 385 -24.40 19.38 -27.55
N GLY B 386 -23.51 20.00 -28.32
CA GLY B 386 -23.63 21.41 -28.69
C GLY B 386 -23.08 22.36 -27.64
N ILE B 387 -22.41 21.84 -26.63
CA ILE B 387 -21.88 22.66 -25.52
C ILE B 387 -20.66 23.48 -25.93
N ILE B 388 -19.81 22.87 -26.77
CA ILE B 388 -18.66 23.55 -27.36
C ILE B 388 -18.51 23.24 -28.84
N SER B 389 -17.94 24.21 -29.56
CA SER B 389 -17.49 23.97 -30.93
C SER B 389 -16.27 23.04 -30.93
N LEU B 390 -15.97 22.47 -32.08
CA LEU B 390 -14.75 21.67 -32.23
C LEU B 390 -13.52 22.54 -32.01
N LYS B 391 -13.46 23.74 -32.60
CA LYS B 391 -12.34 24.65 -32.37
C LYS B 391 -12.15 24.92 -30.87
N LYS B 392 -13.23 25.13 -30.15
CA LYS B 392 -13.09 25.41 -28.73
C LYS B 392 -12.55 24.19 -27.96
N LEU B 393 -13.01 23.00 -28.30
CA LEU B 393 -12.50 21.74 -27.73
C LEU B 393 -10.97 21.70 -27.95
N ILE B 394 -10.52 22.01 -29.18
CA ILE B 394 -9.09 22.01 -29.46
C ILE B 394 -8.39 23.07 -28.64
N GLU B 395 -8.96 24.29 -28.53
CA GLU B 395 -8.36 25.34 -27.67
C GLU B 395 -8.14 24.85 -26.26
N MET B 396 -9.15 24.15 -25.73
CA MET B 396 -9.08 23.73 -24.34
C MET B 396 -8.09 22.60 -24.08
N PHE B 397 -7.62 21.93 -25.15
CA PHE B 397 -6.59 20.92 -25.03
C PHE B 397 -5.15 21.40 -25.40
N THR B 398 -5.03 22.58 -26.02
CA THR B 398 -3.79 23.01 -26.67
C THR B 398 -3.35 24.38 -26.21
N ILE B 399 -3.73 25.44 -26.93
CA ILE B 399 -3.17 26.77 -26.65
C ILE B 399 -3.59 27.25 -25.27
N ASN B 400 -4.79 26.89 -24.81
CA ASN B 400 -5.23 27.34 -23.48
C ASN B 400 -4.34 26.82 -22.37
N PRO B 401 -4.17 25.50 -22.24
CA PRO B 401 -3.21 25.01 -21.26
C PRO B 401 -1.75 25.44 -21.45
N ALA B 402 -1.28 25.53 -22.69
CA ALA B 402 0.06 26.09 -22.97
C ALA B 402 0.24 27.49 -22.36
N ARG B 403 -0.79 28.34 -22.49
CA ARG B 403 -0.72 29.71 -21.95
C ARG B 403 -0.70 29.72 -20.42
N ILE B 404 -1.40 28.77 -19.81
CA ILE B 404 -1.49 28.71 -18.36
C ILE B 404 -0.09 28.41 -17.79
N ILE B 405 0.62 27.44 -18.37
CA ILE B 405 1.95 27.09 -17.86
C ILE B 405 3.08 27.81 -18.58
N GLY B 406 2.75 28.71 -19.49
CA GLY B 406 3.76 29.59 -20.08
C GLY B 406 4.76 28.89 -20.99
N VAL B 407 4.32 27.89 -21.74
CA VAL B 407 5.20 27.16 -22.69
C VAL B 407 4.76 27.51 -24.09
N ASP B 408 5.71 27.55 -25.03
CA ASP B 408 5.36 27.86 -26.42
C ASP B 408 5.04 26.55 -27.14
N LEU B 409 4.03 25.84 -26.64
CA LEU B 409 3.49 24.66 -27.33
C LEU B 409 2.07 24.96 -27.68
N GLY B 410 1.33 23.94 -28.13
CA GLY B 410 -0.06 24.10 -28.42
C GLY B 410 -0.38 24.81 -29.71
N THR B 411 0.59 24.95 -30.59
CA THR B 411 0.39 25.65 -31.87
C THR B 411 0.95 24.79 -33.01
N LEU B 412 0.64 25.18 -34.25
CA LEU B 412 1.24 24.58 -35.46
C LEU B 412 1.90 25.74 -36.21
N LYS B 413 2.40 26.71 -35.45
CA LYS B 413 3.11 27.84 -36.06
C LYS B 413 4.34 27.36 -36.76
N LEU B 414 4.71 28.06 -37.84
CA LEU B 414 5.87 27.66 -38.58
C LEU B 414 7.08 27.83 -37.68
N GLY B 415 7.94 26.81 -37.73
CA GLY B 415 9.15 26.75 -36.93
C GLY B 415 8.99 26.12 -35.56
N SER B 416 7.76 25.91 -35.12
CA SER B 416 7.45 25.23 -33.88
C SER B 416 7.72 23.73 -33.94
N PRO B 417 7.97 23.14 -32.78
CA PRO B 417 8.08 21.68 -32.68
C PRO B 417 6.90 21.00 -33.28
N ALA B 418 7.12 19.97 -34.08
CA ALA B 418 6.04 19.24 -34.72
C ALA B 418 5.38 18.27 -33.79
N ASP B 419 4.61 18.83 -32.83
CA ASP B 419 3.80 18.03 -31.88
C ASP B 419 2.39 18.18 -32.47
N ILE B 420 1.87 17.06 -32.94
CA ILE B 420 0.65 17.03 -33.76
C ILE B 420 -0.16 15.84 -33.30
N THR B 421 -1.47 16.05 -33.11
CA THR B 421 -2.38 14.95 -32.83
C THR B 421 -3.38 14.84 -33.97
N ILE B 422 -3.65 13.62 -34.33
CA ILE B 422 -4.51 13.29 -35.45
C ILE B 422 -5.57 12.28 -35.02
N PHE B 423 -6.82 12.73 -35.09
CA PHE B 423 -7.93 11.95 -34.53
C PHE B 423 -9.19 11.82 -35.37
N ASP B 424 -9.85 10.67 -35.16
CA ASP B 424 -11.14 10.40 -35.80
C ASP B 424 -12.27 10.70 -34.81
N PRO B 425 -13.06 11.75 -35.01
CA PRO B 425 -14.07 12.10 -34.01
C PRO B 425 -15.20 11.14 -33.91
N ASN B 426 -15.31 10.23 -34.87
CA ASN B 426 -16.40 9.28 -34.96
C ASN B 426 -16.04 7.83 -34.70
N LYS B 427 -14.77 7.56 -34.36
CA LYS B 427 -14.36 6.20 -34.17
C LYS B 427 -14.72 5.67 -32.78
N GLU B 428 -15.47 4.59 -32.78
CA GLU B 428 -15.95 3.98 -31.53
C GLU B 428 -14.95 2.99 -30.99
N TRP B 429 -14.81 2.99 -29.69
CA TRP B 429 -13.94 2.06 -29.00
C TRP B 429 -14.38 1.92 -27.53
N ILE B 430 -13.74 0.99 -26.83
CA ILE B 430 -14.02 0.77 -25.41
C ILE B 430 -12.73 0.71 -24.61
N LEU B 431 -12.74 1.38 -23.46
CA LEU B 431 -11.63 1.24 -22.51
C LEU B 431 -11.87 0.01 -21.63
N ASN B 432 -11.08 -1.02 -21.84
CA ASN B 432 -11.23 -2.28 -21.12
C ASN B 432 -9.85 -2.96 -21.01
N GLU B 433 -9.84 -4.20 -20.56
CA GLU B 433 -8.61 -4.94 -20.42
C GLU B 433 -7.81 -5.02 -21.70
N GLU B 434 -8.44 -5.08 -22.88
CA GLU B 434 -7.69 -5.17 -24.12
C GLU B 434 -7.00 -3.86 -24.51
N THR B 435 -7.54 -2.73 -24.04
CA THR B 435 -7.07 -1.42 -24.50
C THR B 435 -6.37 -0.54 -23.45
N ASN B 436 -6.61 -0.80 -22.18
CA ASN B 436 -6.20 0.07 -21.10
C ASN B 436 -4.68 0.02 -20.93
N LEU B 437 -4.04 1.19 -20.93
CA LEU B 437 -2.60 1.24 -20.79
C LEU B 437 -2.14 1.68 -19.40
N SER B 438 -3.06 2.07 -18.55
CA SER B 438 -2.75 2.42 -17.19
C SER B 438 -2.51 1.16 -16.37
N LYS B 439 -1.67 1.29 -15.33
CA LYS B 439 -1.55 0.20 -14.32
C LYS B 439 -2.82 0.09 -13.42
N SER B 440 -3.65 1.12 -13.44
CA SER B 440 -4.87 1.20 -12.64
C SER B 440 -6.11 1.14 -13.58
N ARG B 441 -7.32 1.03 -13.01
CA ARG B 441 -8.55 0.88 -13.81
C ARG B 441 -9.70 1.67 -13.23
N ASN B 442 -9.40 2.65 -12.39
CA ASN B 442 -10.38 3.41 -11.63
C ASN B 442 -10.96 4.52 -12.51
N THR B 443 -12.00 4.13 -13.24
CA THR B 443 -12.77 5.07 -14.03
C THR B 443 -14.15 4.48 -14.31
N PRO B 444 -15.16 5.34 -14.23
CA PRO B 444 -16.53 4.84 -14.50
C PRO B 444 -16.80 4.69 -15.98
N LEU B 445 -15.84 5.07 -16.82
CA LEU B 445 -15.94 4.84 -18.25
C LEU B 445 -15.56 3.42 -18.63
N TRP B 446 -14.98 2.66 -17.71
CA TRP B 446 -14.62 1.27 -17.99
C TRP B 446 -15.76 0.49 -18.64
N GLY B 447 -15.44 -0.12 -19.77
CA GLY B 447 -16.37 -0.96 -20.54
C GLY B 447 -17.39 -0.22 -21.36
N LYS B 448 -17.42 1.11 -21.27
CA LYS B 448 -18.44 1.93 -21.99
C LYS B 448 -18.02 2.20 -23.43
N VAL B 449 -18.99 2.32 -24.33
CA VAL B 449 -18.64 2.68 -25.70
C VAL B 449 -18.31 4.17 -25.76
N LEU B 450 -17.11 4.47 -26.24
CA LEU B 450 -16.63 5.84 -26.40
C LEU B 450 -16.65 6.15 -27.89
N LYS B 451 -16.76 7.42 -28.24
CA LYS B 451 -16.74 7.87 -29.61
C LYS B 451 -15.76 9.03 -29.76
N GLY B 452 -14.72 8.76 -30.54
CA GLY B 452 -13.65 9.70 -30.82
C GLY B 452 -12.38 9.02 -30.41
N LYS B 453 -11.38 8.99 -31.34
CA LYS B 453 -10.18 8.19 -31.09
C LYS B 453 -8.98 8.78 -31.79
N VAL B 454 -7.90 8.85 -31.06
CA VAL B 454 -6.63 9.25 -31.62
C VAL B 454 -6.12 8.15 -32.53
N ILE B 455 -5.68 8.55 -33.72
CA ILE B 455 -5.07 7.67 -34.71
C ILE B 455 -3.56 7.76 -34.77
N TYR B 456 -3.03 8.97 -34.61
CA TYR B 456 -1.62 9.24 -34.52
C TYR B 456 -1.34 10.33 -33.51
N THR B 457 -0.22 10.19 -32.82
CA THR B 457 0.35 11.23 -31.99
C THR B 457 1.79 11.35 -32.44
N ILE B 458 2.16 12.57 -32.80
CA ILE B 458 3.46 12.90 -33.32
C ILE B 458 4.13 13.88 -32.38
N LYS B 459 5.33 13.58 -31.95
CA LYS B 459 6.10 14.41 -31.07
C LYS B 459 7.47 14.73 -31.73
N ASP B 460 7.73 16.01 -31.91
CA ASP B 460 8.91 16.49 -32.57
C ASP B 460 9.06 15.79 -33.93
N GLY B 461 7.93 15.60 -34.64
CA GLY B 461 7.94 15.01 -35.97
C GLY B 461 8.03 13.50 -36.10
N LYS B 462 8.11 12.82 -34.96
CA LYS B 462 8.20 11.40 -34.88
C LYS B 462 6.85 10.81 -34.34
N MET B 463 6.31 9.84 -35.04
CA MET B 463 5.14 9.09 -34.55
C MET B 463 5.48 8.38 -33.25
N VAL B 464 4.80 8.77 -32.19
CA VAL B 464 4.96 8.09 -30.89
C VAL B 464 3.77 7.22 -30.45
N TYR B 465 2.65 7.38 -31.16
CA TYR B 465 1.53 6.51 -31.02
C TYR B 465 0.86 6.38 -32.38
N LYS B 466 0.41 5.15 -32.68
CA LYS B 466 -0.46 4.85 -33.81
C LYS B 466 -1.49 3.77 -33.42
N ASP B 467 -2.72 4.06 -33.75
CA ASP B 467 -3.85 3.18 -33.47
C ASP B 467 -3.66 1.84 -34.22
ZN ZN C . -2.74 -9.79 15.11
ZN ZN D . -3.93 16.84 -8.27
#